data_8E4X
#
_entry.id   8E4X
#
_cell.length_a   169.914
_cell.length_b   63.236
_cell.length_c   142.646
_cell.angle_alpha   90.000
_cell.angle_beta   118.070
_cell.angle_gamma   90.000
#
_symmetry.space_group_name_H-M   'C 1 2 1'
#
loop_
_entity.id
_entity.type
_entity.pdbx_description
1 polymer 'Double-stranded RNA-specific editase 1'
2 polymer 'RNA (5-R(*GP*CP*UP*CP*GP*CP*GP*AP*UP*GP*CP*GP*(8AZ)P*GP*AP*GP*GP*GP*CP* UP*CP*UP*GP*AP*UP*AP*GP*CP*UP*AP*CP*G)-3)'
3 polymer RNA(5-R(*CP*GP*UP*AP*GP*CP*UP*AP*UP*CP*AP*GP*AP*GP*CP*CP*CP*CP*CP*CP*(4DU)*GP*CP*AP*UP*CP*GP*CP*GP*AP*GP*C)-3)
4 non-polymer 'INOSITOL HEXAKISPHOSPHATE'
5 non-polymer 'ZINC ION'
6 water water
#
loop_
_entity_poly.entity_id
_entity_poly.type
_entity_poly.pdbx_seq_one_letter_code
_entity_poly.pdbx_strand_id
1 'polypeptide(L)'
;GASLAQPPLPVLPPFPPPSGKNPVMILNELRPGLKYDFLSESGESHAKSFVMSVVVDGQFFEGSGRNKKLAKARAAQSAL
AAIFNLHLDQTPSRQPIPSEGLQLHLPQVLADAVSRLVLGKFGDLTDNFSSPHARRKVLAGVVMTTGTDVKDAKVISVST
GTKCINGEYMSDRGLALNDCHAEIISRRSLLRFLYTQLELYLNNKDDQKRSIFQKSERGGFRLKENVQFHLYISTSPCGD
ARIFSPHEPILEEPADRHPNRKARGQLRTKIESGQGTIPVRSNASIQTWDGVLQGERLLTMSCSDKIARWNVVGIQGSLL
SIFVEPIYFSSIILGSLYHGDHLSRAMYQRISNIEDLPPLYTLNKPLLSGISNAEARQPGKAPNFSVNWTVGDSAIEVIN
ATTGKDELGRASRLCKHALYCRWMRVHGKVPSHLLRSKITKPNVYHESKLAAKEYQAAKARLFTAFIKAGLGAWVEKPTE
QDQFSLTP
;
A,B
2 'polyribonucleotide' GCUCGCGAUGCG(8AZ)GAGGGCUCUGAUAGCUACG C
3 'polyribonucleotide' CGUAGCUAUCAGAGCCCCCC(4DU)GCAUCGCGAGC D
#
loop_
_chem_comp.id
_chem_comp.type
_chem_comp.name
_chem_comp.formula
4DU DNA linking 1-(2-deoxy-5-O-phosphono-beta-D-erythro-pentofuranosyl)-1H-imidazo[4,5-c]pyridin-4-amine 'C11 H15 N4 O6 P'
8AZ RNA linking 8-aza-nebularine-5'-monophosphate 'C9 H14 N5 O8 P'
A RNA linking ADENOSINE-5'-MONOPHOSPHATE 'C10 H14 N5 O7 P'
C RNA linking CYTIDINE-5'-MONOPHOSPHATE 'C9 H14 N3 O8 P'
G RNA linking GUANOSINE-5'-MONOPHOSPHATE 'C10 H14 N5 O8 P'
IHP non-polymer 'INOSITOL HEXAKISPHOSPHATE' 'C6 H18 O24 P6'
U RNA linking URIDINE-5'-MONOPHOSPHATE 'C9 H13 N2 O9 P'
ZN non-polymer 'ZINC ION' 'Zn 2'
#
# COMPACT_ATOMS: atom_id res chain seq x y z
N GLN A 103 26.07 -19.65 40.60
CA GLN A 103 24.94 -18.94 41.19
C GLN A 103 25.37 -17.59 41.76
N LEU A 104 25.86 -16.72 40.87
CA LEU A 104 26.56 -15.51 41.27
C LEU A 104 26.38 -14.46 40.18
N HIS A 105 27.13 -13.36 40.28
CA HIS A 105 27.04 -12.27 39.31
C HIS A 105 28.46 -11.94 38.86
N LEU A 106 28.56 -11.56 37.58
CA LEU A 106 29.69 -11.02 36.85
C LEU A 106 29.16 -10.83 35.43
N PRO A 107 29.29 -9.66 34.82
CA PRO A 107 28.64 -9.43 33.51
C PRO A 107 28.85 -10.62 32.58
N GLN A 108 30.08 -11.09 32.40
CA GLN A 108 30.32 -12.16 31.43
C GLN A 108 29.64 -13.46 31.88
N VAL A 109 29.60 -13.70 33.19
CA VAL A 109 28.85 -14.84 33.73
C VAL A 109 27.38 -14.76 33.32
N LEU A 110 26.79 -13.58 33.52
CA LEU A 110 25.40 -13.38 33.10
C LEU A 110 25.21 -13.58 31.61
N ALA A 111 26.08 -13.00 30.78
CA ALA A 111 25.89 -13.13 29.34
C ALA A 111 25.88 -14.60 28.94
N ASP A 112 26.87 -15.36 29.42
CA ASP A 112 26.94 -16.78 29.09
C ASP A 112 25.75 -17.52 29.65
N ALA A 113 25.29 -17.15 30.84
CA ALA A 113 24.13 -17.82 31.39
C ALA A 113 22.90 -17.63 30.51
N VAL A 114 22.59 -16.39 30.11
CA VAL A 114 21.36 -16.19 29.33
C VAL A 114 21.47 -16.90 27.99
N SER A 115 22.66 -16.84 27.38
CA SER A 115 22.80 -17.53 26.10
C SER A 115 22.59 -19.04 26.24
N ARG A 116 23.16 -19.63 27.29
CA ARG A 116 22.92 -21.03 27.54
C ARG A 116 21.43 -21.30 27.74
N LEU A 117 20.75 -20.48 28.52
CA LEU A 117 19.35 -20.76 28.81
C LEU A 117 18.49 -20.68 27.55
N VAL A 118 18.71 -19.65 26.73
CA VAL A 118 17.87 -19.50 25.55
C VAL A 118 18.12 -20.66 24.61
N LEU A 119 19.39 -20.98 24.34
CA LEU A 119 19.68 -22.09 23.44
C LEU A 119 19.10 -23.42 23.97
N GLY A 120 19.28 -23.68 25.26
CA GLY A 120 18.79 -24.92 25.83
C GLY A 120 17.28 -25.03 25.74
N LYS A 121 16.60 -23.93 26.02
CA LYS A 121 15.14 -23.93 25.97
C LYS A 121 14.73 -24.18 24.52
N PHE A 122 15.42 -23.54 23.57
CA PHE A 122 15.14 -23.79 22.15
C PHE A 122 15.30 -25.25 21.82
N GLY A 123 16.32 -25.89 22.37
CA GLY A 123 16.54 -27.31 22.11
C GLY A 123 15.40 -28.14 22.66
N ASP A 124 14.99 -27.86 23.89
CA ASP A 124 13.87 -28.59 24.48
C ASP A 124 12.66 -28.50 23.58
N LEU A 125 12.42 -27.31 23.05
CA LEU A 125 11.25 -27.08 22.21
C LEU A 125 11.36 -27.67 20.82
N THR A 126 12.56 -28.00 20.35
CA THR A 126 12.67 -28.50 18.99
C THR A 126 13.12 -29.95 18.93
N ASP A 127 12.81 -30.70 19.98
CA ASP A 127 13.12 -32.13 20.05
C ASP A 127 14.62 -32.36 19.84
N ASN A 128 15.40 -31.69 20.71
CA ASN A 128 16.88 -31.68 20.66
C ASN A 128 17.41 -31.20 19.30
N PHE A 129 16.80 -30.16 18.76
CA PHE A 129 17.20 -29.53 17.49
C PHE A 129 17.06 -30.46 16.30
N SER A 130 16.21 -31.48 16.40
CA SER A 130 16.05 -32.45 15.32
C SER A 130 14.82 -32.17 14.48
N SER A 131 13.93 -31.32 15.00
CA SER A 131 12.75 -30.93 14.27
C SER A 131 13.15 -30.20 12.99
N PRO A 132 12.34 -30.29 11.95
CA PRO A 132 12.58 -29.43 10.79
C PRO A 132 12.56 -27.96 11.20
N HIS A 133 11.82 -27.60 12.26
CA HIS A 133 11.66 -26.21 12.68
C HIS A 133 12.82 -25.72 13.53
N ALA A 134 13.77 -26.59 13.83
CA ALA A 134 14.98 -26.16 14.53
C ALA A 134 15.87 -25.38 13.58
N ARG A 135 15.67 -25.55 12.27
CA ARG A 135 16.48 -24.84 11.29
C ARG A 135 16.30 -23.34 11.44
N ARG A 136 17.41 -22.64 11.69
CA ARG A 136 17.39 -21.21 11.95
C ARG A 136 18.69 -20.52 11.53
N LYS A 137 18.57 -19.25 11.15
CA LYS A 137 19.72 -18.37 11.02
C LYS A 137 19.95 -17.56 12.29
N VAL A 138 18.90 -16.93 12.79
CA VAL A 138 18.96 -16.08 13.97
C VAL A 138 18.04 -16.62 15.04
N LEU A 139 18.59 -16.76 16.24
CA LEU A 139 17.85 -17.14 17.45
C LEU A 139 17.82 -15.96 18.40
N ALA A 140 16.67 -15.71 19.02
CA ALA A 140 16.55 -14.66 20.03
C ALA A 140 15.77 -15.21 21.21
N GLY A 141 15.87 -14.53 22.35
CA GLY A 141 15.03 -14.90 23.48
C GLY A 141 15.06 -13.85 24.56
N VAL A 142 14.20 -14.05 25.56
CA VAL A 142 14.14 -13.20 26.73
C VAL A 142 14.29 -14.08 27.95
N VAL A 143 15.15 -13.68 28.88
CA VAL A 143 15.34 -14.41 30.11
C VAL A 143 14.98 -13.49 31.27
N MET A 144 14.27 -14.03 32.27
CA MET A 144 13.88 -13.24 33.43
C MET A 144 14.74 -13.69 34.60
N THR A 145 15.20 -12.72 35.38
CA THR A 145 15.88 -12.97 36.64
C THR A 145 15.06 -12.38 37.77
N THR A 146 15.29 -12.93 38.96
CA THR A 146 14.64 -12.42 40.15
C THR A 146 15.60 -12.18 41.31
N GLY A 147 16.87 -12.48 41.16
CA GLY A 147 17.79 -12.32 42.26
C GLY A 147 19.21 -12.54 41.85
N THR A 148 20.04 -13.06 42.74
CA THR A 148 21.48 -13.12 42.52
C THR A 148 21.91 -14.53 42.17
N ASP A 149 21.02 -15.48 42.41
CA ASP A 149 21.25 -16.90 42.21
C ASP A 149 20.99 -17.16 40.74
N VAL A 150 22.05 -17.53 40.01
CA VAL A 150 21.89 -17.79 38.59
C VAL A 150 20.94 -18.95 38.45
N LYS A 151 20.80 -19.74 39.51
CA LYS A 151 19.81 -20.80 39.53
C LYS A 151 18.40 -20.24 39.31
N ASP A 152 18.12 -18.99 39.73
CA ASP A 152 16.76 -18.46 39.62
C ASP A 152 16.36 -17.91 38.25
N ALA A 153 17.26 -17.82 37.28
CA ALA A 153 16.93 -17.33 35.95
C ALA A 153 15.84 -18.16 35.27
N LYS A 154 14.91 -17.52 34.56
CA LYS A 154 13.81 -18.23 33.90
C LYS A 154 13.71 -17.76 32.45
N VAL A 155 13.69 -18.67 31.49
CA VAL A 155 13.50 -18.28 30.09
C VAL A 155 12.05 -17.91 29.83
N ILE A 156 11.80 -16.70 29.34
CA ILE A 156 10.41 -16.27 29.08
C ILE A 156 9.99 -16.52 27.65
N SER A 157 10.81 -16.23 26.66
CA SER A 157 10.41 -16.47 25.29
C SER A 157 11.63 -16.82 24.46
N VAL A 158 11.37 -17.55 23.37
CA VAL A 158 12.37 -17.92 22.37
C VAL A 158 11.73 -17.77 21.00
N SER A 159 12.52 -17.33 20.01
CA SER A 159 12.03 -17.09 18.66
C SER A 159 13.14 -17.22 17.64
N THR A 160 12.75 -17.39 16.37
CA THR A 160 13.72 -17.30 15.28
C THR A 160 13.09 -16.47 14.18
N GLY A 161 13.90 -16.17 13.15
CA GLY A 161 13.43 -15.47 11.97
C GLY A 161 14.32 -14.33 11.51
N THR A 162 14.34 -14.12 10.18
CA THR A 162 15.15 -13.08 9.56
C THR A 162 14.42 -12.36 8.44
N LYS A 163 13.12 -12.45 8.35
CA LYS A 163 12.40 -11.85 7.24
C LYS A 163 11.20 -11.04 7.75
N CYS A 164 10.60 -10.27 6.85
CA CYS A 164 9.42 -9.46 7.15
C CYS A 164 8.36 -9.69 6.07
N ILE A 165 7.18 -9.13 6.32
CA ILE A 165 6.01 -9.47 5.53
C ILE A 165 6.17 -8.91 4.13
N ASN A 166 5.64 -9.64 3.17
CA ASN A 166 5.50 -9.15 1.81
C ASN A 166 4.40 -8.10 1.75
N GLY A 167 4.66 -7.01 1.05
CA GLY A 167 3.73 -5.89 1.05
C GLY A 167 2.31 -6.24 0.62
N GLU A 168 2.14 -7.24 -0.25
CA GLU A 168 0.82 -7.64 -0.74
C GLU A 168 -0.05 -8.32 0.32
N TYR A 169 0.57 -8.86 1.36
CA TYR A 169 -0.01 -9.61 2.44
C TYR A 169 -0.33 -8.80 3.68
N MET A 170 -0.12 -7.49 3.68
CA MET A 170 -0.51 -6.71 4.86
C MET A 170 -1.97 -7.01 5.18
N SER A 171 -2.28 -7.12 6.47
CA SER A 171 -3.63 -7.42 6.94
C SER A 171 -4.23 -6.13 7.48
N ASP A 172 -5.45 -5.81 7.03
CA ASP A 172 -6.10 -4.63 7.60
C ASP A 172 -6.99 -4.99 8.75
N ARG A 173 -6.84 -6.18 9.29
CA ARG A 173 -7.61 -6.62 10.43
C ARG A 173 -6.66 -7.08 11.52
N GLY A 174 -5.36 -6.82 11.39
CA GLY A 174 -4.39 -7.14 12.42
C GLY A 174 -4.03 -8.60 12.54
N LEU A 175 -4.21 -9.39 11.47
CA LEU A 175 -4.05 -10.84 11.53
C LEU A 175 -2.70 -11.35 11.05
N ALA A 176 -1.79 -10.46 10.65
CA ALA A 176 -0.52 -10.84 10.04
C ALA A 176 0.64 -10.21 10.80
N LEU A 177 1.71 -10.99 10.98
CA LEU A 177 2.93 -10.48 11.57
C LEU A 177 3.72 -9.70 10.52
N ASN A 178 4.06 -8.45 10.85
CA ASN A 178 4.76 -7.57 9.92
C ASN A 178 6.27 -7.79 9.88
N ASP A 179 6.87 -8.22 11.00
CA ASP A 179 8.32 -8.23 11.15
C ASP A 179 8.72 -9.46 11.97
N CYS A 180 9.37 -10.42 11.31
CA CYS A 180 9.74 -11.68 11.92
C CYS A 180 11.24 -11.82 12.20
N HIS A 181 11.97 -10.71 12.27
CA HIS A 181 13.32 -10.82 12.82
C HIS A 181 13.20 -11.32 14.26
N ALA A 182 14.07 -12.26 14.62
CA ALA A 182 13.93 -12.98 15.89
C ALA A 182 13.74 -12.06 17.11
N GLU A 183 14.54 -10.99 17.24
CA GLU A 183 14.43 -10.16 18.45
C GLU A 183 13.06 -9.46 18.56
N ILE A 184 12.48 -9.04 17.43
CA ILE A 184 11.15 -8.44 17.46
C ILE A 184 10.10 -9.46 17.95
N ILE A 185 10.14 -10.67 17.37
CA ILE A 185 9.24 -11.73 17.82
C ILE A 185 9.44 -12.00 19.29
N SER A 186 10.69 -11.97 19.77
CA SER A 186 10.91 -12.24 21.18
C SER A 186 10.26 -11.20 22.07
N ARG A 187 10.29 -9.93 21.67
CA ARG A 187 9.54 -8.95 22.46
C ARG A 187 8.05 -9.24 22.48
N ARG A 188 7.47 -9.58 21.33
CA ARG A 188 6.03 -9.83 21.29
C ARG A 188 5.66 -11.00 22.19
N SER A 189 6.49 -12.03 22.19
CA SER A 189 6.25 -13.16 23.08
C SER A 189 6.29 -12.73 24.54
N LEU A 190 7.25 -11.86 24.88
CA LEU A 190 7.26 -11.30 26.23
C LEU A 190 5.95 -10.55 26.54
N LEU A 191 5.42 -9.78 25.57
CA LEU A 191 4.14 -9.10 25.81
C LEU A 191 3.06 -10.09 26.21
N ARG A 192 3.01 -11.23 25.50
CA ARG A 192 2.04 -12.23 25.90
C ARG A 192 2.23 -12.61 27.35
N PHE A 193 3.49 -12.83 27.73
CA PHE A 193 3.78 -13.14 29.13
C PHE A 193 3.32 -12.05 30.09
N LEU A 194 3.53 -10.78 29.73
CA LEU A 194 3.11 -9.68 30.60
C LEU A 194 1.60 -9.69 30.82
N TYR A 195 0.82 -9.88 29.76
CA TYR A 195 -0.62 -10.03 29.91
C TYR A 195 -0.97 -11.21 30.83
N THR A 196 -0.34 -12.36 30.63
CA THR A 196 -0.62 -13.51 31.49
C THR A 196 -0.35 -13.20 32.96
N GLN A 197 0.75 -12.51 33.24
CA GLN A 197 1.11 -12.16 34.61
C GLN A 197 0.10 -11.19 35.21
N LEU A 198 -0.43 -10.27 34.41
CA LEU A 198 -1.51 -9.43 34.94
C LEU A 198 -2.76 -10.24 35.29
N GLU A 199 -3.17 -11.18 34.44
CA GLU A 199 -4.31 -12.04 34.79
C GLU A 199 -4.03 -12.86 36.05
N LEU A 200 -2.81 -13.37 36.19
CA LEU A 200 -2.45 -14.05 37.43
C LEU A 200 -2.64 -13.15 38.65
N TYR A 201 -2.17 -11.89 38.58
CA TYR A 201 -2.36 -10.96 39.69
C TYR A 201 -3.83 -10.79 39.98
N LEU A 202 -4.66 -10.69 38.93
CA LEU A 202 -6.06 -10.35 39.11
C LEU A 202 -6.92 -11.53 39.57
N ASN A 203 -6.46 -12.77 39.44
CA ASN A 203 -7.34 -13.90 39.72
C ASN A 203 -7.86 -13.84 41.16
N ASN A 204 -6.97 -13.74 42.15
CA ASN A 204 -7.36 -13.79 43.57
C ASN A 204 -6.13 -13.44 44.39
N LYS A 205 -6.34 -13.25 45.70
CA LYS A 205 -5.23 -12.78 46.54
C LYS A 205 -4.08 -13.80 46.62
N ASP A 206 -4.38 -15.10 46.44
CA ASP A 206 -3.37 -16.16 46.58
C ASP A 206 -2.55 -16.29 45.29
N ASP A 207 -3.25 -16.34 44.16
CA ASP A 207 -2.63 -16.25 42.85
C ASP A 207 -1.82 -14.95 42.70
N GLN A 208 -2.33 -13.86 43.28
CA GLN A 208 -1.70 -12.55 43.19
C GLN A 208 -0.25 -12.56 43.69
N LYS A 209 0.02 -13.35 44.73
CA LYS A 209 1.38 -13.48 45.26
C LYS A 209 2.39 -13.93 44.22
N ARG A 210 1.97 -14.72 43.23
CA ARG A 210 2.85 -15.31 42.22
C ARG A 210 3.12 -14.39 41.04
N SER A 211 2.34 -13.33 40.88
CA SER A 211 2.46 -12.43 39.75
C SER A 211 3.75 -11.64 39.88
N ILE A 212 4.38 -11.33 38.76
CA ILE A 212 5.55 -10.46 38.87
C ILE A 212 5.17 -9.00 39.06
N PHE A 213 3.90 -8.68 38.94
CA PHE A 213 3.42 -7.34 39.17
C PHE A 213 2.94 -7.16 40.60
N GLN A 214 3.07 -5.94 41.06
CA GLN A 214 2.51 -5.48 42.30
C GLN A 214 1.73 -4.19 42.01
N LYS A 215 0.85 -3.84 42.93
CA LYS A 215 0.16 -2.58 42.85
C LYS A 215 1.21 -1.47 42.92
N SER A 216 1.06 -0.42 42.12
CA SER A 216 1.95 0.74 42.24
C SER A 216 1.35 1.92 43.00
N GLU A 217 2.20 2.53 43.83
CA GLU A 217 1.86 3.71 44.61
C GLU A 217 1.57 4.91 43.72
N ARG A 218 2.07 4.90 42.50
CA ARG A 218 1.87 5.96 41.53
C ARG A 218 0.60 5.74 40.73
N GLY A 219 -0.06 4.59 40.92
CA GLY A 219 -1.26 4.19 40.19
C GLY A 219 -0.95 2.96 39.36
N GLY A 220 -1.94 2.11 39.08
CA GLY A 220 -1.71 0.90 38.30
C GLY A 220 -0.70 -0.01 38.98
N PHE A 221 0.08 -0.71 38.16
CA PHE A 221 0.95 -1.78 38.60
C PHE A 221 2.36 -1.53 38.10
N ARG A 222 3.31 -2.10 38.83
CA ARG A 222 4.69 -2.08 38.45
C ARG A 222 5.33 -3.41 38.84
N LEU A 223 6.56 -3.64 38.37
CA LEU A 223 7.21 -4.91 38.66
C LEU A 223 7.57 -4.97 40.13
N LYS A 224 7.53 -6.18 40.67
CA LYS A 224 8.11 -6.43 41.96
C LYS A 224 9.61 -6.17 41.90
N GLU A 225 10.19 -5.86 43.05
CA GLU A 225 11.59 -5.45 43.13
C GLU A 225 12.48 -6.60 42.64
N ASN A 226 13.53 -6.23 41.91
CA ASN A 226 14.55 -7.15 41.40
C ASN A 226 14.07 -8.10 40.31
N VAL A 227 12.88 -7.91 39.74
CA VAL A 227 12.50 -8.62 38.51
C VAL A 227 13.16 -7.94 37.31
N GLN A 228 13.96 -8.68 36.55
CA GLN A 228 14.67 -8.08 35.43
C GLN A 228 14.49 -8.92 34.18
N PHE A 229 14.48 -8.27 33.03
CA PHE A 229 14.43 -8.98 31.75
C PHE A 229 15.69 -8.74 30.88
N HIS A 230 16.12 -9.77 30.18
CA HIS A 230 17.34 -9.71 29.40
C HIS A 230 17.07 -10.22 28.00
N LEU A 231 17.48 -9.45 27.01
CA LEU A 231 17.24 -9.82 25.63
C LEU A 231 18.51 -10.48 25.13
N TYR A 232 18.34 -11.64 24.51
CA TYR A 232 19.40 -12.39 23.86
C TYR A 232 19.15 -12.40 22.36
N ILE A 233 20.20 -12.15 21.59
CA ILE A 233 20.13 -12.31 20.14
C ILE A 233 21.40 -13.01 19.69
N SER A 234 21.24 -13.98 18.81
CA SER A 234 22.37 -14.80 18.40
C SER A 234 23.31 -14.05 17.46
N THR A 235 22.93 -12.84 17.01
CA THR A 235 23.75 -11.95 16.19
C THR A 235 23.36 -10.49 16.44
N SER A 236 24.16 -9.57 15.93
CA SER A 236 23.92 -8.13 16.14
C SER A 236 22.63 -7.66 15.45
N PRO A 237 21.81 -6.81 16.10
CA PRO A 237 20.53 -6.42 15.48
C PRO A 237 20.80 -5.60 14.24
N CYS A 238 19.99 -5.81 13.20
CA CYS A 238 20.20 -5.14 11.93
C CYS A 238 20.14 -3.62 12.04
N GLY A 239 20.72 -2.97 11.07
CA GLY A 239 20.81 -1.54 11.19
C GLY A 239 22.09 -1.08 11.87
N ASP A 240 21.94 0.01 12.62
CA ASP A 240 23.10 0.75 13.10
C ASP A 240 24.10 -0.13 13.86
N ALA A 241 23.64 -1.08 14.66
CA ALA A 241 24.58 -1.92 15.40
C ALA A 241 25.33 -2.90 14.48
N ARG A 242 24.67 -3.39 13.41
CA ARG A 242 25.18 -4.44 12.52
C ARG A 242 25.87 -4.00 11.26
N ILE A 243 25.36 -2.95 10.62
CA ILE A 243 25.76 -2.61 9.27
C ILE A 243 27.17 -2.23 8.99
N PHE A 244 27.93 -1.74 9.95
CA PHE A 244 29.26 -1.25 9.59
C PHE A 244 30.31 -2.31 9.82
N SER A 245 29.92 -3.48 10.40
CA SER A 245 30.79 -4.65 10.56
C SER A 245 29.98 -5.94 10.66
N PRO A 246 29.27 -6.35 9.60
CA PRO A 246 28.47 -7.58 9.69
C PRO A 246 29.27 -8.86 9.66
N HIS A 247 30.31 -8.94 10.51
CA HIS A 247 31.28 -10.01 10.49
C HIS A 247 31.87 -10.15 11.90
N GLU A 248 32.44 -11.32 12.21
CA GLU A 248 32.93 -11.54 13.58
C GLU A 248 34.12 -10.64 13.84
N PRO A 249 34.25 -10.07 15.03
CA PRO A 249 35.41 -9.24 15.33
C PRO A 249 36.61 -10.09 15.67
N ILE A 250 37.79 -9.52 15.45
CA ILE A 250 39.04 -10.15 15.81
C ILE A 250 39.92 -9.11 16.50
N LEU A 251 40.65 -9.54 17.53
CA LEU A 251 41.52 -8.63 18.28
C LEU A 251 42.40 -7.81 17.35
N GLU A 252 42.66 -8.33 16.14
CA GLU A 252 43.54 -7.66 15.18
C GLU A 252 42.87 -6.44 14.54
N GLU A 253 41.61 -6.57 14.12
CA GLU A 253 40.95 -5.46 13.44
C GLU A 253 40.72 -4.28 14.39
N PRO A 254 41.00 -3.05 13.95
CA PRO A 254 40.89 -1.89 14.83
C PRO A 254 39.45 -1.58 15.20
N ALA A 255 39.26 -0.46 15.90
CA ALA A 255 37.92 0.05 16.16
C ALA A 255 37.40 0.77 14.92
N ASP A 256 36.29 1.48 15.06
CA ASP A 256 35.76 2.21 13.91
C ASP A 256 36.70 3.35 13.57
N ARG A 257 37.32 3.26 12.41
CA ARG A 257 38.21 4.32 11.95
C ARG A 257 37.49 5.61 11.60
N HIS A 258 36.16 5.63 11.64
CA HIS A 258 35.40 6.79 11.19
C HIS A 258 34.14 6.93 12.03
N PRO A 259 34.30 7.29 13.30
CA PRO A 259 33.13 7.49 14.16
C PRO A 259 32.27 8.68 13.75
N ASN A 260 32.78 9.60 12.96
CA ASN A 260 32.07 10.84 12.68
C ASN A 260 31.48 10.89 11.29
N ARG A 261 31.42 9.77 10.58
CA ARG A 261 30.73 9.84 9.29
C ARG A 261 29.25 10.12 9.53
N LYS A 262 28.65 10.87 8.60
CA LYS A 262 27.21 11.10 8.64
C LYS A 262 26.44 9.80 8.87
N ALA A 263 26.91 8.70 8.25
CA ALA A 263 26.24 7.41 8.36
C ALA A 263 26.06 6.94 9.80
N ARG A 264 27.00 7.23 10.69
CA ARG A 264 26.97 6.62 12.02
C ARG A 264 25.74 7.06 12.81
N GLY A 265 24.93 6.11 13.27
CA GLY A 265 23.75 6.42 14.04
C GLY A 265 22.43 6.64 13.31
N GLN A 266 22.44 6.72 11.97
CA GLN A 266 21.22 7.08 11.24
C GLN A 266 20.13 6.00 11.40
N LEU A 267 18.88 6.46 11.49
CA LEU A 267 17.79 5.51 11.41
C LEU A 267 17.89 4.82 10.06
N ARG A 268 17.60 3.53 10.03
CA ARG A 268 17.65 2.78 8.78
C ARG A 268 16.46 1.84 8.71
N THR A 269 16.05 1.47 7.50
CA THR A 269 14.90 0.57 7.34
C THR A 269 15.30 -0.67 6.56
N LYS A 270 14.71 -1.80 6.93
CA LYS A 270 14.63 -2.90 5.99
C LYS A 270 13.80 -2.42 4.81
N ILE A 271 14.07 -2.94 3.62
CA ILE A 271 13.23 -2.64 2.47
C ILE A 271 12.82 -3.92 1.76
N GLU A 272 11.53 -4.06 1.44
CA GLU A 272 11.09 -5.33 0.87
C GLU A 272 11.83 -5.57 -0.45
N SER A 273 12.26 -6.80 -0.69
CA SER A 273 12.99 -7.17 -1.91
C SER A 273 14.30 -6.43 -2.07
N GLY A 274 14.73 -5.67 -1.06
CA GLY A 274 15.96 -4.93 -1.10
C GLY A 274 16.96 -5.64 -0.25
N GLN A 275 18.22 -5.28 -0.39
CA GLN A 275 19.23 -5.76 0.54
C GLN A 275 19.70 -4.62 1.42
N GLY A 276 20.23 -5.00 2.59
CA GLY A 276 20.70 -4.15 3.66
C GLY A 276 19.58 -3.36 4.32
N THR A 277 19.93 -2.22 4.86
CA THR A 277 18.95 -1.36 5.48
C THR A 277 19.23 0.01 4.94
N ILE A 278 18.24 0.86 4.97
CA ILE A 278 18.58 2.15 4.41
C ILE A 278 18.29 3.34 5.30
N PRO A 279 19.12 4.39 5.21
CA PRO A 279 18.84 5.60 6.00
C PRO A 279 17.50 6.13 5.53
N VAL A 280 16.74 6.78 6.43
CA VAL A 280 15.62 7.51 5.88
C VAL A 280 16.17 8.61 4.97
N ARG A 281 15.50 8.84 3.86
CA ARG A 281 15.92 9.89 2.93
C ARG A 281 15.64 11.28 3.49
N SER A 282 16.30 12.29 2.90
CA SER A 282 16.12 13.66 3.33
C SER A 282 14.69 14.00 2.91
N ASN A 283 13.78 14.08 3.88
CA ASN A 283 12.38 14.49 3.71
C ASN A 283 11.55 13.33 3.15
N ALA A 284 11.92 12.10 3.54
CA ALA A 284 11.32 10.84 3.10
C ALA A 284 9.80 10.91 3.19
N SER A 285 9.12 10.57 2.11
CA SER A 285 7.67 10.67 2.09
C SER A 285 7.00 9.43 2.66
N ILE A 286 6.03 9.69 3.54
CA ILE A 286 5.12 8.81 4.27
C ILE A 286 4.60 7.65 3.44
N GLN A 287 4.36 6.50 4.08
CA GLN A 287 3.91 5.30 3.39
C GLN A 287 2.39 5.30 3.32
N THR A 288 1.86 4.71 2.25
CA THR A 288 0.44 4.61 2.05
C THR A 288 0.06 3.18 1.73
N TRP A 289 -1.13 2.81 2.18
CA TRP A 289 -1.64 1.46 1.96
C TRP A 289 -1.74 1.17 0.47
N ASP A 290 -2.39 2.07 -0.28
CA ASP A 290 -2.54 1.88 -1.73
C ASP A 290 -1.20 1.96 -2.45
N GLY A 291 -0.27 2.78 -1.97
CA GLY A 291 1.04 2.80 -2.58
C GLY A 291 1.78 1.47 -2.42
N VAL A 292 1.78 0.91 -1.22
CA VAL A 292 2.44 -0.38 -1.03
C VAL A 292 1.78 -1.47 -1.87
N LEU A 293 0.45 -1.52 -1.87
CA LEU A 293 -0.24 -2.52 -2.68
C LEU A 293 0.14 -2.41 -4.14
N GLN A 294 0.34 -1.19 -4.65
CA GLN A 294 0.69 -1.05 -6.06
C GLN A 294 2.15 -1.34 -6.37
N GLY A 295 2.98 -1.52 -5.35
CA GLY A 295 4.36 -1.87 -5.62
C GLY A 295 5.40 -1.02 -4.91
N GLU A 296 5.03 0.09 -4.27
CA GLU A 296 6.00 0.77 -3.41
C GLU A 296 6.50 -0.23 -2.39
N ARG A 297 7.81 -0.29 -2.25
CA ARG A 297 8.41 -1.33 -1.44
C ARG A 297 8.12 -0.99 0.02
N LEU A 298 7.65 -2.00 0.75
CA LEU A 298 7.32 -1.80 2.16
C LEU A 298 8.57 -1.52 3.00
N LEU A 299 8.55 -0.47 3.83
CA LEU A 299 9.69 -0.13 4.68
C LEU A 299 9.41 -0.48 6.14
N THR A 300 10.39 -1.05 6.82
CA THR A 300 10.29 -1.40 8.23
C THR A 300 11.52 -0.93 9.00
N MET A 301 11.29 -0.34 10.17
CA MET A 301 12.45 0.16 10.89
C MET A 301 13.36 -0.99 11.29
N SER A 302 14.68 -0.78 11.19
CA SER A 302 15.67 -1.81 11.56
C SER A 302 15.55 -2.18 13.03
N CYS A 303 16.07 -3.38 13.35
CA CYS A 303 16.06 -3.83 14.74
C CYS A 303 16.89 -2.97 15.68
N SER A 304 18.03 -2.46 15.23
CA SER A 304 18.82 -1.52 16.05
C SER A 304 17.97 -0.34 16.48
N ASP A 305 17.13 0.16 15.56
CA ASP A 305 16.31 1.33 15.84
C ASP A 305 15.16 0.96 16.76
N LYS A 306 14.58 -0.24 16.55
CA LYS A 306 13.52 -0.72 17.40
C LYS A 306 14.00 -0.95 18.82
N ILE A 307 15.21 -1.48 18.99
CA ILE A 307 15.67 -1.71 20.36
C ILE A 307 15.97 -0.37 21.04
N ALA A 308 16.52 0.61 20.30
CA ALA A 308 16.70 1.94 20.91
C ALA A 308 15.34 2.53 21.33
N ARG A 309 14.33 2.42 20.46
CA ARG A 309 13.00 2.85 20.84
C ARG A 309 12.62 2.19 22.15
N TRP A 310 12.81 0.87 22.24
CA TRP A 310 12.43 0.21 23.48
C TRP A 310 13.29 0.73 24.64
N ASN A 311 14.49 1.26 24.35
CA ASN A 311 15.29 1.86 25.44
C ASN A 311 14.80 3.24 25.83
N VAL A 312 13.70 3.74 25.22
CA VAL A 312 13.13 5.00 25.69
C VAL A 312 11.68 4.79 26.15
N VAL A 313 10.85 4.23 25.27
CA VAL A 313 9.44 4.05 25.57
C VAL A 313 9.18 2.76 26.35
N GLY A 314 10.20 1.94 26.57
CA GLY A 314 10.01 0.66 27.21
C GLY A 314 9.68 -0.45 26.22
N ILE A 315 9.71 -1.67 26.74
CA ILE A 315 9.41 -2.83 25.90
C ILE A 315 7.92 -3.18 25.85
N GLN A 316 7.10 -2.57 26.69
CA GLN A 316 5.72 -3.03 26.88
C GLN A 316 4.75 -2.52 25.83
N GLY A 317 5.12 -1.56 25.01
CA GLY A 317 4.18 -1.00 24.06
C GLY A 317 3.25 -0.02 24.74
N SER A 318 2.41 0.60 23.91
CA SER A 318 1.46 1.61 24.38
C SER A 318 0.35 1.00 25.24
N LEU A 319 -0.29 -0.05 24.72
CA LEU A 319 -1.48 -0.62 25.34
C LEU A 319 -1.15 -1.13 26.74
N LEU A 320 -0.08 -1.90 26.88
CA LEU A 320 0.24 -2.39 28.21
C LEU A 320 0.56 -1.26 29.14
N SER A 321 1.06 -0.15 28.61
CA SER A 321 1.36 1.01 29.43
C SER A 321 0.09 1.63 29.97
N ILE A 322 -1.05 1.31 29.39
CA ILE A 322 -2.28 1.77 30.04
C ILE A 322 -2.46 1.08 31.41
N PHE A 323 -1.89 -0.13 31.58
CA PHE A 323 -1.92 -0.92 32.82
C PHE A 323 -0.63 -0.82 33.65
N VAL A 324 0.55 -0.81 33.03
CA VAL A 324 1.78 -0.98 33.79
C VAL A 324 2.76 0.17 33.53
N GLU A 325 3.70 0.36 34.48
CA GLU A 325 4.72 1.37 34.33
C GLU A 325 5.75 0.82 33.34
N PRO A 326 6.53 1.70 32.69
CA PRO A 326 7.52 1.26 31.69
C PRO A 326 8.51 0.21 32.18
N ILE A 327 8.75 -0.78 31.33
CA ILE A 327 9.66 -1.87 31.60
C ILE A 327 10.84 -1.83 30.62
N TYR A 328 12.06 -2.01 31.12
CA TYR A 328 13.22 -1.93 30.25
C TYR A 328 14.05 -3.21 30.30
N PHE A 329 14.79 -3.51 29.22
CA PHE A 329 15.77 -4.58 29.32
C PHE A 329 16.93 -4.14 30.22
N SER A 330 17.34 -5.04 31.09
CA SER A 330 18.51 -4.77 31.92
C SER A 330 19.81 -5.04 31.23
N SER A 331 19.79 -5.91 30.20
CA SER A 331 20.94 -6.38 29.43
C SER A 331 20.52 -6.69 28.01
N ILE A 332 21.46 -6.52 27.10
CA ILE A 332 21.33 -7.00 25.74
C ILE A 332 22.56 -7.84 25.45
N ILE A 333 22.33 -9.13 25.20
CA ILE A 333 23.38 -10.11 25.04
C ILE A 333 23.37 -10.57 23.59
N LEU A 334 24.53 -10.45 22.94
CA LEU A 334 24.69 -10.88 21.56
C LEU A 334 25.52 -12.15 21.55
N GLY A 335 25.07 -13.16 20.78
CA GLY A 335 25.78 -14.41 20.70
C GLY A 335 26.86 -14.49 19.65
N SER A 336 26.99 -13.45 18.81
CA SER A 336 28.01 -13.32 17.77
C SER A 336 27.98 -11.89 17.26
N LEU A 337 29.03 -11.51 16.53
CA LEU A 337 29.20 -10.20 15.88
C LEU A 337 29.08 -9.01 16.83
N TYR A 338 29.53 -9.19 18.07
CA TYR A 338 29.56 -8.10 19.03
C TYR A 338 30.62 -7.06 18.70
N HIS A 339 30.20 -5.79 18.63
CA HIS A 339 31.14 -4.69 18.47
C HIS A 339 30.65 -3.64 19.45
N GLY A 340 31.44 -3.47 20.52
CA GLY A 340 31.00 -2.65 21.66
C GLY A 340 30.62 -1.22 21.32
N ASP A 341 31.42 -0.58 20.47
CA ASP A 341 31.21 0.83 20.17
C ASP A 341 29.98 1.00 19.29
N HIS A 342 29.82 0.13 18.30
CA HIS A 342 28.64 0.18 17.45
C HIS A 342 27.39 -0.16 18.25
N LEU A 343 27.46 -1.17 19.11
CA LEU A 343 26.24 -1.55 19.81
C LEU A 343 25.84 -0.44 20.80
N SER A 344 26.81 0.10 21.53
CA SER A 344 26.52 1.16 22.47
C SER A 344 26.00 2.39 21.76
N ARG A 345 26.55 2.73 20.61
CA ARG A 345 26.00 3.87 19.88
C ARG A 345 24.56 3.58 19.50
N ALA A 346 24.34 2.41 18.89
CA ALA A 346 23.02 2.02 18.39
C ALA A 346 21.94 1.97 19.45
N MET A 347 22.26 1.45 20.64
CA MET A 347 21.22 1.18 21.63
C MET A 347 20.80 2.43 22.40
N TYR A 348 21.70 3.38 22.56
CA TYR A 348 21.38 4.60 23.31
C TYR A 348 22.26 5.82 23.04
N GLN A 349 23.57 5.65 22.78
CA GLN A 349 24.42 6.83 22.86
C GLN A 349 24.05 7.81 21.78
N ARG A 350 23.56 7.30 20.64
CA ARG A 350 23.16 8.16 19.54
C ARG A 350 22.00 9.08 19.92
N ILE A 351 21.23 8.73 20.93
CA ILE A 351 20.14 9.62 21.30
C ILE A 351 20.37 10.18 22.70
N SER A 352 21.64 10.34 23.11
CA SER A 352 21.91 11.00 24.38
C SER A 352 21.39 12.43 24.42
N ASN A 353 21.05 13.03 23.28
CA ASN A 353 20.45 14.36 23.24
C ASN A 353 18.96 14.39 23.59
N ILE A 354 18.33 13.23 23.86
CA ILE A 354 16.89 13.22 24.16
C ILE A 354 16.59 14.06 25.39
N GLU A 355 15.45 14.73 25.37
CA GLU A 355 15.05 15.55 26.50
C GLU A 355 13.54 15.48 26.75
N ASP A 356 13.17 15.97 27.92
CA ASP A 356 11.80 16.15 28.36
C ASP A 356 10.95 14.86 28.35
N LEU A 357 11.50 13.75 28.84
CA LEU A 357 10.71 12.53 28.91
C LEU A 357 9.61 12.62 29.98
N PRO A 358 8.45 11.97 29.79
CA PRO A 358 7.43 11.97 30.88
C PRO A 358 7.91 11.19 32.08
N PRO A 359 7.18 11.26 33.20
CA PRO A 359 7.60 10.59 34.43
C PRO A 359 7.77 9.09 34.23
N LEU A 360 8.80 8.54 34.85
CA LEU A 360 9.12 7.13 34.89
C LEU A 360 9.80 6.72 33.61
N TYR A 361 9.80 7.55 32.58
CA TYR A 361 10.56 7.23 31.39
C TYR A 361 11.98 7.74 31.60
N THR A 362 12.91 7.09 30.93
CA THR A 362 14.32 7.39 31.04
C THR A 362 14.96 6.96 29.75
N LEU A 363 16.18 7.40 29.51
CA LEU A 363 17.00 6.76 28.46
C LEU A 363 17.77 5.61 29.11
N ASN A 364 17.26 4.40 28.92
CA ASN A 364 17.80 3.22 29.56
C ASN A 364 19.08 2.79 28.87
N LYS A 365 20.11 2.47 29.66
CA LYS A 365 21.41 2.09 29.13
C LYS A 365 21.70 0.71 29.72
N PRO A 366 21.18 -0.35 29.09
CA PRO A 366 21.35 -1.68 29.68
C PRO A 366 22.78 -2.13 29.50
N LEU A 367 23.16 -3.12 30.29
CA LEU A 367 24.40 -3.85 30.06
C LEU A 367 24.42 -4.38 28.64
N LEU A 368 25.54 -4.25 27.96
CA LEU A 368 25.72 -4.85 26.65
C LEU A 368 26.87 -5.83 26.77
N SER A 369 26.72 -7.03 26.24
CA SER A 369 27.80 -7.98 26.39
C SER A 369 27.79 -9.00 25.26
N GLY A 370 29.00 -9.49 24.90
CA GLY A 370 29.09 -10.71 24.13
C GLY A 370 29.23 -11.91 25.03
N ILE A 371 29.41 -13.06 24.42
CA ILE A 371 29.54 -14.27 25.19
C ILE A 371 30.94 -14.80 24.99
N SER A 372 31.32 -15.70 25.90
CA SER A 372 32.67 -16.19 25.92
C SER A 372 33.00 -17.05 24.70
N ASN A 373 32.03 -17.85 24.27
CA ASN A 373 32.09 -18.78 23.16
C ASN A 373 31.11 -18.38 22.07
N ALA A 374 31.55 -17.50 21.18
CA ALA A 374 30.68 -16.92 20.18
C ALA A 374 30.08 -18.02 19.32
N GLU A 375 28.85 -17.79 18.88
CA GLU A 375 28.13 -18.68 18.00
C GLU A 375 28.72 -18.64 16.58
N ALA A 376 28.31 -19.63 15.80
CA ALA A 376 28.74 -19.80 14.41
C ALA A 376 27.65 -19.40 13.43
N ARG A 377 28.11 -19.20 12.21
CA ARG A 377 27.28 -19.00 11.04
C ARG A 377 26.51 -20.27 10.73
N GLN A 378 25.21 -20.10 10.40
CA GLN A 378 24.68 -21.44 10.20
C GLN A 378 24.57 -21.62 8.70
N PRO A 379 24.92 -22.80 8.21
CA PRO A 379 24.79 -23.07 6.76
C PRO A 379 23.35 -23.31 6.37
N GLY A 380 23.08 -23.15 5.08
CA GLY A 380 21.72 -23.40 4.70
C GLY A 380 21.05 -22.20 4.09
N LYS A 381 20.14 -22.40 3.16
CA LYS A 381 19.36 -21.27 2.69
C LYS A 381 18.59 -20.84 3.95
N ALA A 382 18.48 -19.53 4.25
CA ALA A 382 17.71 -19.15 5.45
C ALA A 382 16.23 -19.53 5.34
N PRO A 383 15.65 -20.13 6.40
CA PRO A 383 14.23 -20.44 6.42
C PRO A 383 13.36 -19.22 6.18
N ASN A 384 12.28 -19.44 5.45
CA ASN A 384 11.31 -18.40 5.25
C ASN A 384 10.32 -18.34 6.40
N PHE A 385 10.48 -19.21 7.41
CA PHE A 385 9.56 -19.24 8.52
C PHE A 385 10.23 -18.72 9.79
N SER A 386 9.38 -18.48 10.80
CA SER A 386 9.78 -17.95 12.10
C SER A 386 9.03 -18.68 13.22
N VAL A 387 9.75 -19.18 14.20
CA VAL A 387 9.16 -19.86 15.36
C VAL A 387 9.04 -18.89 16.53
N ASN A 388 7.98 -19.05 17.32
CA ASN A 388 7.88 -18.33 18.59
C ASN A 388 7.33 -19.21 19.71
N TRP A 389 7.72 -18.86 20.95
CA TRP A 389 7.24 -19.54 22.13
C TRP A 389 7.38 -18.61 23.34
N THR A 390 6.36 -18.64 24.20
CA THR A 390 6.33 -17.93 25.47
C THR A 390 6.13 -18.93 26.60
N VAL A 391 6.83 -18.70 27.71
CA VAL A 391 6.63 -19.53 28.90
C VAL A 391 5.14 -19.70 29.19
N GLY A 392 4.74 -20.95 29.47
CA GLY A 392 3.36 -21.33 29.56
C GLY A 392 2.82 -21.99 28.31
N ASP A 393 3.39 -21.72 27.14
CA ASP A 393 2.95 -22.40 25.92
C ASP A 393 3.39 -23.85 25.89
N SER A 394 2.47 -24.70 25.43
CA SER A 394 2.78 -26.10 25.21
C SER A 394 3.84 -26.31 24.14
N ALA A 395 3.81 -25.52 23.08
CA ALA A 395 4.64 -25.83 21.92
C ALA A 395 5.00 -24.55 21.17
N ILE A 396 5.96 -24.67 20.24
CA ILE A 396 6.29 -23.55 19.34
C ILE A 396 5.15 -23.28 18.36
N GLU A 397 5.15 -22.07 17.85
CA GLU A 397 4.30 -21.69 16.73
C GLU A 397 5.17 -21.32 15.52
N VAL A 398 4.78 -21.77 14.33
CA VAL A 398 5.58 -21.53 13.14
C VAL A 398 4.79 -20.64 12.20
N ILE A 399 5.39 -19.49 11.88
CA ILE A 399 4.77 -18.47 11.04
C ILE A 399 5.58 -18.35 9.75
N ASN A 400 4.88 -18.29 8.62
CA ASN A 400 5.55 -17.93 7.37
C ASN A 400 5.83 -16.44 7.44
N ALA A 401 7.12 -16.05 7.48
CA ALA A 401 7.42 -14.63 7.65
C ALA A 401 6.95 -13.78 6.48
N THR A 402 6.95 -14.34 5.27
CA THR A 402 6.57 -13.55 4.12
C THR A 402 5.09 -13.23 4.16
N THR A 403 4.27 -14.17 4.62
CA THR A 403 2.82 -13.93 4.72
C THR A 403 2.37 -13.39 6.10
N GLY A 404 3.13 -13.58 7.17
CA GLY A 404 2.77 -13.21 8.52
C GLY A 404 1.74 -14.07 9.18
N LYS A 405 1.42 -15.22 8.59
CA LYS A 405 0.47 -16.16 9.19
C LYS A 405 1.10 -17.53 9.22
N ASP A 406 0.47 -18.47 9.93
CA ASP A 406 0.98 -19.84 9.92
C ASP A 406 0.74 -20.50 8.57
N GLU A 407 1.23 -21.73 8.40
CA GLU A 407 1.18 -22.41 7.11
C GLU A 407 -0.24 -22.72 6.60
N LEU A 408 -1.25 -22.71 7.47
CA LEU A 408 -2.65 -22.88 7.06
C LEU A 408 -3.40 -21.56 6.92
N GLY A 409 -2.68 -20.42 6.95
CA GLY A 409 -3.29 -19.11 6.87
C GLY A 409 -3.95 -18.58 8.11
N ARG A 410 -3.68 -19.15 9.28
CA ARG A 410 -4.21 -18.68 10.57
C ARG A 410 -3.36 -17.58 11.22
N ALA A 411 -4.02 -16.69 11.96
CA ALA A 411 -3.33 -15.59 12.60
C ALA A 411 -2.46 -16.08 13.75
N SER A 412 -1.32 -15.44 13.91
CA SER A 412 -0.43 -15.76 15.01
C SER A 412 -1.02 -15.35 16.33
N ARG A 413 -0.66 -16.12 17.37
CA ARG A 413 -0.89 -15.64 18.73
C ARG A 413 -0.16 -14.33 19.02
N LEU A 414 0.81 -13.93 18.19
CA LEU A 414 1.49 -12.64 18.36
C LEU A 414 0.91 -11.49 17.53
N CYS A 415 -0.06 -11.72 16.64
CA CYS A 415 -0.52 -10.62 15.80
C CYS A 415 -1.30 -9.56 16.59
N LYS A 416 -1.35 -8.35 16.02
CA LYS A 416 -2.09 -7.23 16.59
C LYS A 416 -3.47 -7.60 17.08
N HIS A 417 -4.20 -8.32 16.24
CA HIS A 417 -5.57 -8.67 16.58
C HIS A 417 -5.59 -9.52 17.86
N ALA A 418 -4.68 -10.50 17.93
CA ALA A 418 -4.60 -11.38 19.09
C ALA A 418 -4.21 -10.60 20.34
N LEU A 419 -3.23 -9.69 20.20
CA LEU A 419 -2.78 -8.83 21.30
C LEU A 419 -3.88 -7.89 21.76
N TYR A 420 -4.64 -7.33 20.81
CA TYR A 420 -5.75 -6.46 21.15
C TYR A 420 -6.76 -7.25 21.95
N CYS A 421 -6.94 -8.52 21.60
CA CYS A 421 -7.81 -9.38 22.38
C CYS A 421 -7.27 -9.58 23.81
N ARG A 422 -5.99 -9.99 23.96
CA ARG A 422 -5.43 -10.12 25.31
C ARG A 422 -5.65 -8.84 26.10
N TRP A 423 -5.37 -7.71 25.47
CA TRP A 423 -5.48 -6.43 26.14
C TRP A 423 -6.92 -6.16 26.55
N MET A 424 -7.87 -6.46 25.66
CA MET A 424 -9.27 -6.17 25.95
C MET A 424 -9.76 -7.01 27.13
N ARG A 425 -9.32 -8.28 27.21
CA ARG A 425 -9.74 -9.13 28.33
C ARG A 425 -9.19 -8.59 29.64
N VAL A 426 -7.94 -8.15 29.65
CA VAL A 426 -7.45 -7.56 30.88
C VAL A 426 -8.20 -6.26 31.18
N HIS A 427 -8.46 -5.46 30.14
CA HIS A 427 -9.13 -4.19 30.35
C HIS A 427 -10.47 -4.37 31.05
N GLY A 428 -11.20 -5.42 30.68
CA GLY A 428 -12.49 -5.65 31.33
C GLY A 428 -12.38 -6.08 32.77
N LYS A 429 -11.19 -6.42 33.23
CA LYS A 429 -10.96 -6.93 34.57
C LYS A 429 -10.28 -5.92 35.49
N VAL A 430 -9.67 -4.86 34.97
CA VAL A 430 -8.96 -3.88 35.78
C VAL A 430 -9.92 -2.75 36.16
N PRO A 431 -10.18 -2.56 37.46
CA PRO A 431 -10.97 -1.44 37.96
C PRO A 431 -10.49 -0.08 37.45
N SER A 432 -11.45 0.73 37.05
CA SER A 432 -11.14 2.04 36.49
C SER A 432 -10.16 2.79 37.39
N HIS A 433 -10.30 2.67 38.71
CA HIS A 433 -9.43 3.45 39.58
C HIS A 433 -7.98 2.97 39.53
N LEU A 434 -7.74 1.80 38.95
CA LEU A 434 -6.42 1.22 38.79
C LEU A 434 -5.85 1.47 37.42
N LEU A 435 -6.61 2.08 36.53
CA LEU A 435 -5.98 2.40 35.28
C LEU A 435 -4.94 3.50 35.49
N ARG A 436 -3.87 3.42 34.70
CA ARG A 436 -2.82 4.42 34.68
C ARG A 436 -3.25 5.63 33.86
N SER A 437 -4.16 5.41 32.93
CA SER A 437 -4.77 6.48 32.16
C SER A 437 -6.30 6.34 32.19
N LYS A 438 -6.98 7.49 32.34
CA LYS A 438 -8.43 7.52 32.30
C LYS A 438 -8.99 8.15 31.01
N ILE A 439 -8.17 8.19 29.95
CA ILE A 439 -8.51 8.61 28.58
C ILE A 439 -9.38 7.72 27.72
N THR A 440 -10.68 8.03 27.62
CA THR A 440 -11.60 7.09 27.00
C THR A 440 -11.43 7.14 25.48
N LYS A 441 -11.22 6.00 24.84
CA LYS A 441 -11.05 6.15 23.41
C LYS A 441 -11.88 5.05 22.72
N PRO A 442 -12.39 5.29 21.51
CA PRO A 442 -13.16 4.25 20.79
C PRO A 442 -12.39 2.96 20.56
N ASN A 443 -13.07 1.82 20.72
CA ASN A 443 -12.43 0.52 20.55
C ASN A 443 -11.91 0.06 19.18
N VAL A 444 -10.94 0.79 18.65
CA VAL A 444 -10.29 0.51 17.39
C VAL A 444 -8.84 0.56 17.83
N TYR A 445 -8.06 -0.43 17.41
CA TYR A 445 -6.68 -0.60 17.89
C TYR A 445 -5.91 0.70 17.86
N HIS A 446 -5.90 1.38 16.71
CA HIS A 446 -5.23 2.68 16.64
C HIS A 446 -5.65 3.66 17.74
N GLU A 447 -6.96 3.83 17.95
CA GLU A 447 -7.44 4.79 18.93
C GLU A 447 -7.12 4.38 20.36
N SER A 448 -7.20 3.09 20.65
CA SER A 448 -6.88 2.63 21.99
C SER A 448 -5.44 2.92 22.30
N LYS A 449 -4.57 2.75 21.32
CA LYS A 449 -3.18 3.11 21.52
C LYS A 449 -3.08 4.59 21.86
N LEU A 450 -3.87 5.42 21.17
CA LEU A 450 -3.78 6.85 21.46
C LEU A 450 -4.20 7.18 22.88
N ALA A 451 -4.99 6.33 23.50
CA ALA A 451 -5.32 6.57 24.90
C ALA A 451 -4.10 6.54 25.83
N ALA A 452 -3.00 5.88 25.46
CA ALA A 452 -1.73 5.89 26.21
C ALA A 452 -0.95 7.21 26.03
N LYS A 453 -1.48 8.29 26.63
CA LYS A 453 -1.00 9.65 26.29
C LYS A 453 0.48 9.86 26.63
N GLU A 454 0.94 9.44 27.83
CA GLU A 454 2.35 9.63 28.16
C GLU A 454 3.30 8.84 27.27
N TYR A 455 2.93 7.61 26.92
CA TYR A 455 3.75 6.83 26.01
C TYR A 455 3.86 7.54 24.68
N GLN A 456 2.74 8.07 24.21
CA GLN A 456 2.80 8.80 22.96
C GLN A 456 3.79 9.97 23.08
N ALA A 457 3.80 10.65 24.23
CA ALA A 457 4.73 11.76 24.44
C ALA A 457 6.18 11.29 24.43
N ALA A 458 6.46 10.18 25.10
CA ALA A 458 7.82 9.65 25.12
C ALA A 458 8.24 9.30 23.70
N LYS A 459 7.32 8.67 22.96
CA LYS A 459 7.61 8.33 21.59
C LYS A 459 7.91 9.59 20.77
N ALA A 460 7.17 10.67 21.06
CA ALA A 460 7.41 11.92 20.35
C ALA A 460 8.79 12.50 20.66
N ARG A 461 9.20 12.41 21.93
CA ARG A 461 10.54 12.86 22.29
C ARG A 461 11.59 12.04 21.58
N LEU A 462 11.35 10.74 21.45
CA LEU A 462 12.28 9.85 20.74
C LEU A 462 12.44 10.25 19.28
N PHE A 463 11.31 10.50 18.61
CA PHE A 463 11.36 10.81 17.18
C PHE A 463 12.12 12.10 17.00
N THR A 464 11.82 13.06 17.88
CA THR A 464 12.49 14.35 17.85
C THR A 464 13.99 14.22 18.13
N ALA A 465 14.38 13.34 19.07
CA ALA A 465 15.80 13.18 19.37
C ALA A 465 16.54 12.76 18.12
N PHE A 466 16.00 11.77 17.43
CA PHE A 466 16.60 11.30 16.20
C PHE A 466 16.68 12.45 15.20
N ILE A 467 15.60 13.21 15.04
CA ILE A 467 15.62 14.23 13.99
C ILE A 467 16.67 15.31 14.29
N LYS A 468 16.69 15.82 15.53
CA LYS A 468 17.55 16.92 15.92
C LYS A 468 19.01 16.48 15.91
N ALA A 469 19.25 15.20 16.14
CA ALA A 469 20.60 14.65 16.06
C ALA A 469 21.06 14.48 14.62
N GLY A 470 20.19 14.72 13.64
CA GLY A 470 20.52 14.56 12.24
C GLY A 470 20.38 13.16 11.72
N LEU A 471 19.70 12.28 12.46
CA LEU A 471 19.65 10.87 12.18
C LEU A 471 18.43 10.45 11.35
N GLY A 472 17.61 11.39 10.91
CA GLY A 472 16.43 11.13 10.12
C GLY A 472 15.16 11.01 10.92
N ALA A 473 14.06 10.79 10.19
CA ALA A 473 12.74 10.71 10.79
C ALA A 473 12.26 9.28 10.75
N TRP A 474 11.70 8.83 11.87
CA TRP A 474 11.14 7.48 11.99
C TRP A 474 10.12 7.19 10.88
N VAL A 475 10.19 6.01 10.30
CA VAL A 475 9.23 5.65 9.25
C VAL A 475 8.15 4.71 9.79
N GLU A 476 6.92 5.19 9.88
CA GLU A 476 5.76 4.45 10.39
C GLU A 476 5.03 3.73 9.26
N LYS A 477 4.21 2.75 9.66
CA LYS A 477 3.33 2.01 8.76
C LYS A 477 2.20 2.91 8.26
N PRO A 478 1.54 2.57 7.15
CA PRO A 478 0.29 3.28 6.81
C PRO A 478 -0.72 3.25 7.96
N THR A 479 -1.36 4.39 8.21
CA THR A 479 -2.28 4.45 9.34
C THR A 479 -3.40 3.42 9.22
N GLU A 480 -3.79 3.07 7.98
CA GLU A 480 -4.87 2.10 7.76
C GLU A 480 -4.60 0.77 8.42
N GLN A 481 -3.33 0.44 8.67
CA GLN A 481 -2.97 -0.82 9.31
C GLN A 481 -3.68 -1.05 10.63
N ASP A 482 -3.94 0.00 11.39
CA ASP A 482 -4.41 -0.16 12.75
C ASP A 482 -5.87 0.21 12.90
N GLN A 483 -6.52 0.52 11.78
CA GLN A 483 -7.90 0.97 11.77
C GLN A 483 -8.82 -0.27 11.71
N PHE A 484 -8.78 -1.11 12.76
CA PHE A 484 -9.69 -2.25 12.79
C PHE A 484 -10.23 -2.40 14.21
N SER A 485 -11.33 -3.14 14.33
CA SER A 485 -11.92 -3.46 15.62
C SER A 485 -12.05 -4.95 15.77
N LEU A 486 -12.23 -5.39 17.01
CA LEU A 486 -12.54 -6.81 17.17
C LEU A 486 -14.01 -6.95 16.79
N ASN B 22 -6.45 -28.18 -8.70
CA ASN B 22 -5.22 -27.70 -9.32
C ASN B 22 -5.25 -27.86 -10.84
N PRO B 23 -5.08 -26.75 -11.56
CA PRO B 23 -5.61 -26.68 -12.94
C PRO B 23 -4.98 -27.66 -13.91
N VAL B 24 -3.66 -27.64 -14.06
CA VAL B 24 -2.99 -28.57 -14.97
C VAL B 24 -3.17 -30.01 -14.49
N MET B 25 -3.17 -30.24 -13.19
CA MET B 25 -3.39 -31.59 -12.66
C MET B 25 -4.73 -32.14 -13.13
N ILE B 26 -5.79 -31.34 -13.04
CA ILE B 26 -7.09 -31.81 -13.50
C ILE B 26 -7.13 -31.91 -15.02
N LEU B 27 -6.51 -30.97 -15.73
CA LEU B 27 -6.51 -31.01 -17.19
C LEU B 27 -5.81 -32.25 -17.72
N ASN B 28 -4.72 -32.67 -17.06
CA ASN B 28 -3.96 -33.85 -17.46
C ASN B 28 -4.44 -35.13 -16.79
N GLU B 29 -5.38 -35.05 -15.85
CA GLU B 29 -6.16 -36.22 -15.48
C GLU B 29 -7.50 -36.26 -16.20
N LEU B 30 -7.75 -35.29 -17.08
CA LEU B 30 -8.98 -35.19 -17.87
C LEU B 30 -8.77 -35.54 -19.34
N ARG B 31 -7.72 -34.98 -19.97
CA ARG B 31 -7.24 -35.40 -21.29
C ARG B 31 -5.73 -35.58 -21.16
N PRO B 32 -5.27 -36.76 -20.75
CA PRO B 32 -3.94 -36.86 -20.11
C PRO B 32 -2.76 -36.75 -21.06
N GLY B 33 -2.97 -36.72 -22.37
CA GLY B 33 -1.84 -36.74 -23.27
C GLY B 33 -1.37 -35.37 -23.74
N LEU B 34 -1.74 -34.33 -23.01
CA LEU B 34 -1.65 -32.96 -23.52
C LEU B 34 -0.25 -32.39 -23.43
N LYS B 35 0.16 -31.71 -24.51
CA LYS B 35 1.48 -31.08 -24.61
C LYS B 35 1.33 -29.56 -24.70
N TYR B 36 2.16 -28.85 -23.93
CA TYR B 36 2.10 -27.39 -23.78
C TYR B 36 3.20 -26.70 -24.59
N ASP B 37 2.86 -25.56 -25.19
CA ASP B 37 3.73 -24.86 -26.13
C ASP B 37 4.02 -23.47 -25.60
N PHE B 38 5.28 -23.20 -25.27
CA PHE B 38 5.73 -21.85 -24.94
C PHE B 38 5.84 -21.01 -26.21
N LEU B 39 5.46 -19.74 -26.11
CA LEU B 39 5.49 -18.86 -27.28
C LEU B 39 6.54 -17.76 -27.16
N SER B 40 6.46 -16.93 -26.11
CA SER B 40 7.33 -15.77 -26.04
C SER B 40 7.48 -15.36 -24.58
N GLU B 41 8.72 -15.32 -24.10
CA GLU B 41 9.08 -14.82 -22.79
C GLU B 41 9.39 -13.33 -22.87
N SER B 42 9.09 -12.60 -21.81
CA SER B 42 9.29 -11.15 -21.83
C SER B 42 9.64 -10.66 -20.43
N GLY B 43 10.47 -9.62 -20.35
CA GLY B 43 10.67 -8.85 -19.14
C GLY B 43 11.97 -9.16 -18.41
N GLU B 44 12.19 -8.42 -17.32
CA GLU B 44 13.35 -8.60 -16.45
C GLU B 44 12.99 -8.32 -15.00
N SER B 45 13.68 -9.01 -14.10
CA SER B 45 13.39 -9.06 -12.65
C SER B 45 11.95 -9.54 -12.49
N HIS B 46 11.12 -8.88 -11.69
CA HIS B 46 9.77 -9.31 -11.35
C HIS B 46 8.74 -8.91 -12.41
N ALA B 47 9.15 -8.13 -13.41
CA ALA B 47 8.35 -7.65 -14.54
C ALA B 47 8.39 -8.61 -15.72
N LYS B 48 8.82 -9.85 -15.50
CA LYS B 48 8.91 -10.86 -16.54
C LYS B 48 7.63 -11.69 -16.60
N SER B 49 7.25 -12.09 -17.82
CA SER B 49 6.08 -12.94 -18.06
C SER B 49 6.39 -13.92 -19.19
N PHE B 50 5.95 -15.16 -19.01
CA PHE B 50 5.98 -16.17 -20.05
C PHE B 50 4.57 -16.45 -20.52
N VAL B 51 4.43 -16.76 -21.80
CA VAL B 51 3.16 -17.17 -22.37
C VAL B 51 3.20 -18.67 -22.55
N MET B 52 2.14 -19.35 -22.11
CA MET B 52 2.02 -20.79 -22.24
C MET B 52 0.70 -21.13 -22.92
N SER B 53 0.70 -22.21 -23.70
CA SER B 53 -0.43 -22.57 -24.53
C SER B 53 -0.73 -24.06 -24.42
N VAL B 54 -1.98 -24.43 -24.70
CA VAL B 54 -2.42 -25.82 -24.70
C VAL B 54 -3.37 -26.06 -25.86
N VAL B 55 -3.32 -27.27 -26.41
CA VAL B 55 -4.25 -27.74 -27.43
C VAL B 55 -5.05 -28.87 -26.81
N VAL B 56 -6.36 -28.66 -26.64
CA VAL B 56 -7.23 -29.67 -26.04
C VAL B 56 -8.64 -29.57 -26.63
N ASP B 57 -9.08 -30.67 -27.24
CA ASP B 57 -10.33 -30.73 -28.02
C ASP B 57 -10.28 -29.76 -29.20
N GLY B 58 -9.09 -29.54 -29.75
CA GLY B 58 -8.91 -28.76 -30.97
C GLY B 58 -8.98 -27.25 -30.84
N GLN B 59 -8.74 -26.69 -29.65
CA GLN B 59 -8.84 -25.25 -29.44
C GLN B 59 -7.57 -24.73 -28.78
N PHE B 60 -7.05 -23.62 -29.29
CA PHE B 60 -5.79 -23.03 -28.85
C PHE B 60 -6.05 -22.15 -27.64
N PHE B 61 -5.58 -22.58 -26.48
CA PHE B 61 -5.76 -21.82 -25.24
C PHE B 61 -4.43 -21.27 -24.76
N GLU B 62 -4.51 -20.30 -23.85
CA GLU B 62 -3.30 -19.73 -23.26
C GLU B 62 -3.66 -18.99 -21.97
N GLY B 63 -2.63 -18.76 -21.16
CA GLY B 63 -2.70 -17.86 -20.02
C GLY B 63 -1.43 -17.05 -19.96
N SER B 64 -1.34 -16.19 -18.96
CA SER B 64 -0.12 -15.41 -18.75
C SER B 64 0.30 -15.52 -17.30
N GLY B 65 1.61 -15.40 -17.07
CA GLY B 65 2.12 -15.50 -15.72
C GLY B 65 3.59 -15.19 -15.67
N ARG B 66 4.02 -14.74 -14.49
CA ARG B 66 5.40 -14.29 -14.28
C ARG B 66 6.37 -15.45 -14.11
N ASN B 67 5.86 -16.68 -13.91
CA ASN B 67 6.66 -17.89 -14.00
C ASN B 67 5.91 -18.94 -14.83
N LYS B 68 6.65 -19.96 -15.27
CA LYS B 68 6.12 -20.92 -16.23
C LYS B 68 4.90 -21.64 -15.69
N LYS B 69 5.02 -22.17 -14.46
CA LYS B 69 3.94 -22.98 -13.91
C LYS B 69 2.70 -22.18 -13.51
N LEU B 70 2.75 -20.85 -13.53
CA LEU B 70 1.51 -20.08 -13.40
C LEU B 70 0.86 -19.80 -14.76
N ALA B 71 1.66 -19.52 -15.80
CA ALA B 71 1.08 -19.31 -17.12
C ALA B 71 0.42 -20.59 -17.62
N LYS B 72 1.06 -21.75 -17.37
CA LYS B 72 0.51 -23.05 -17.75
C LYS B 72 -0.76 -23.36 -16.97
N ALA B 73 -0.77 -22.99 -15.69
CA ALA B 73 -1.97 -23.18 -14.86
C ALA B 73 -3.15 -22.39 -15.41
N ARG B 74 -2.92 -21.14 -15.80
CA ARG B 74 -4.01 -20.34 -16.33
C ARG B 74 -4.40 -20.77 -17.75
N ALA B 75 -3.45 -21.28 -18.53
CA ALA B 75 -3.81 -21.90 -19.82
C ALA B 75 -4.75 -23.07 -19.60
N ALA B 76 -4.44 -23.93 -18.62
CA ALA B 76 -5.33 -25.05 -18.30
C ALA B 76 -6.68 -24.54 -17.82
N GLN B 77 -6.70 -23.47 -17.03
CA GLN B 77 -7.97 -22.91 -16.56
C GLN B 77 -8.81 -22.42 -17.74
N SER B 78 -8.18 -21.78 -18.72
CA SER B 78 -8.90 -21.33 -19.92
C SER B 78 -9.46 -22.52 -20.70
N ALA B 79 -8.66 -23.59 -20.83
CA ALA B 79 -9.12 -24.79 -21.52
C ALA B 79 -10.36 -25.39 -20.86
N LEU B 80 -10.30 -25.59 -19.54
CA LEU B 80 -11.42 -26.19 -18.83
C LEU B 80 -12.62 -25.25 -18.75
N ALA B 81 -12.40 -23.94 -18.72
CA ALA B 81 -13.53 -23.01 -18.79
C ALA B 81 -14.23 -23.13 -20.13
N ALA B 82 -13.47 -23.07 -21.24
CA ALA B 82 -14.08 -23.06 -22.56
C ALA B 82 -14.78 -24.39 -22.87
N ILE B 83 -14.22 -25.50 -22.40
CA ILE B 83 -14.83 -26.79 -22.70
C ILE B 83 -15.91 -27.11 -21.67
N PHE B 84 -15.51 -27.21 -20.40
CA PHE B 84 -16.35 -27.79 -19.35
C PHE B 84 -17.02 -26.75 -18.46
N ASN B 85 -16.24 -25.93 -17.76
CA ASN B 85 -16.78 -25.28 -16.56
C ASN B 85 -15.87 -24.18 -16.06
N LEU B 86 -16.46 -23.24 -15.31
CA LEU B 86 -15.70 -22.24 -14.57
C LEU B 86 -15.24 -22.80 -13.22
N HIS B 87 -13.99 -22.50 -12.86
CA HIS B 87 -13.35 -22.98 -11.63
C HIS B 87 -13.80 -22.19 -10.42
N LEU B 88 -13.03 -22.25 -9.31
CA LEU B 88 -13.39 -21.77 -7.98
C LEU B 88 -14.12 -20.45 -8.07
N ASP B 89 -15.40 -20.47 -7.67
CA ASP B 89 -16.23 -19.28 -7.78
C ASP B 89 -15.68 -18.32 -6.73
N GLN B 90 -14.49 -17.82 -7.00
CA GLN B 90 -13.83 -16.91 -6.10
C GLN B 90 -14.74 -15.69 -5.92
N THR B 91 -15.16 -15.45 -4.69
CA THR B 91 -16.38 -14.70 -4.48
C THR B 91 -16.24 -13.18 -4.60
N PRO B 92 -15.24 -12.53 -3.99
CA PRO B 92 -14.98 -11.13 -4.36
C PRO B 92 -14.41 -10.98 -5.76
N SER B 93 -13.90 -12.05 -6.36
CA SER B 93 -13.44 -12.01 -7.76
C SER B 93 -14.61 -11.93 -8.76
N ARG B 94 -15.84 -11.71 -8.31
CA ARG B 94 -17.02 -11.78 -9.15
C ARG B 94 -17.48 -10.38 -9.53
N GLN B 95 -17.96 -10.22 -10.77
CA GLN B 95 -18.13 -8.91 -11.41
C GLN B 95 -19.55 -8.35 -11.29
N PRO B 96 -19.74 -7.17 -10.71
CA PRO B 96 -21.00 -6.43 -10.96
C PRO B 96 -21.20 -6.16 -12.45
N ILE B 97 -22.44 -5.80 -12.80
CA ILE B 97 -22.85 -5.75 -14.20
C ILE B 97 -23.44 -4.38 -14.46
N PRO B 98 -23.41 -3.88 -15.69
CA PRO B 98 -24.03 -2.58 -15.95
C PRO B 98 -25.52 -2.64 -15.66
N SER B 99 -26.08 -1.50 -15.28
CA SER B 99 -27.54 -1.39 -15.29
C SER B 99 -28.08 -1.49 -16.71
N GLU B 100 -27.56 -0.69 -17.62
CA GLU B 100 -28.03 -0.63 -19.01
C GLU B 100 -26.88 -0.95 -19.97
N GLY B 101 -27.18 -1.76 -20.99
CA GLY B 101 -26.19 -2.11 -21.97
C GLY B 101 -25.38 -3.36 -21.67
N LEU B 102 -26.07 -4.50 -21.45
CA LEU B 102 -25.41 -5.81 -21.39
C LEU B 102 -25.23 -6.37 -22.81
N GLN B 103 -24.60 -5.56 -23.66
CA GLN B 103 -24.66 -5.76 -25.10
C GLN B 103 -23.46 -6.49 -25.68
N LEU B 104 -22.29 -6.35 -25.07
CA LEU B 104 -21.10 -6.97 -25.60
C LEU B 104 -20.85 -8.34 -24.99
N HIS B 105 -21.92 -9.03 -24.63
CA HIS B 105 -21.90 -10.45 -24.28
C HIS B 105 -21.18 -10.65 -22.96
N LEU B 106 -20.65 -11.86 -22.72
CA LEU B 106 -20.33 -12.30 -21.37
C LEU B 106 -19.27 -11.38 -20.75
N PRO B 107 -19.48 -10.92 -19.51
CA PRO B 107 -18.58 -9.89 -18.95
C PRO B 107 -17.13 -10.29 -18.89
N GLN B 108 -16.83 -11.58 -18.65
CA GLN B 108 -15.44 -12.01 -18.62
C GLN B 108 -14.83 -11.99 -20.01
N VAL B 109 -15.64 -12.30 -21.03
CA VAL B 109 -15.09 -12.33 -22.38
C VAL B 109 -14.77 -10.92 -22.84
N LEU B 110 -15.64 -9.95 -22.50
CA LEU B 110 -15.33 -8.56 -22.76
C LEU B 110 -14.08 -8.11 -22.00
N ALA B 111 -14.02 -8.37 -20.70
CA ALA B 111 -12.88 -7.94 -19.91
C ALA B 111 -11.57 -8.44 -20.51
N ASP B 112 -11.51 -9.73 -20.79
CA ASP B 112 -10.28 -10.30 -21.32
C ASP B 112 -9.96 -9.73 -22.70
N ALA B 113 -11.00 -9.49 -23.52
CA ALA B 113 -10.77 -8.86 -24.82
C ALA B 113 -10.15 -7.47 -24.67
N VAL B 114 -10.70 -6.61 -23.78
CA VAL B 114 -10.24 -5.22 -23.77
C VAL B 114 -8.85 -5.11 -23.16
N SER B 115 -8.57 -5.94 -22.13
CA SER B 115 -7.20 -5.97 -21.62
C SER B 115 -6.21 -6.48 -22.69
N ARG B 116 -6.60 -7.49 -23.47
CA ARG B 116 -5.70 -7.97 -24.52
C ARG B 116 -5.50 -6.91 -25.58
N LEU B 117 -6.57 -6.21 -25.97
CA LEU B 117 -6.45 -5.17 -26.97
C LEU B 117 -5.50 -4.06 -26.51
N VAL B 118 -5.64 -3.63 -25.26
CA VAL B 118 -4.82 -2.53 -24.80
C VAL B 118 -3.35 -2.96 -24.69
N LEU B 119 -3.11 -4.20 -24.22
CA LEU B 119 -1.73 -4.69 -24.14
C LEU B 119 -1.12 -4.82 -25.53
N GLY B 120 -1.90 -5.29 -26.50
CA GLY B 120 -1.40 -5.38 -27.87
C GLY B 120 -1.07 -4.03 -28.47
N LYS B 121 -1.93 -3.03 -28.23
CA LYS B 121 -1.64 -1.70 -28.77
C LYS B 121 -0.42 -1.10 -28.10
N PHE B 122 -0.28 -1.30 -26.79
CA PHE B 122 0.93 -0.85 -26.13
C PHE B 122 2.17 -1.50 -26.75
N GLY B 123 2.11 -2.81 -26.99
CA GLY B 123 3.21 -3.47 -27.65
C GLY B 123 3.57 -2.82 -28.96
N ASP B 124 2.58 -2.64 -29.83
CA ASP B 124 2.85 -1.95 -31.09
C ASP B 124 3.54 -0.61 -30.85
N LEU B 125 3.14 0.10 -29.79
CA LEU B 125 3.65 1.44 -29.57
C LEU B 125 5.02 1.47 -28.93
N THR B 126 5.60 0.34 -28.53
CA THR B 126 6.91 0.41 -27.90
C THR B 126 7.88 -0.60 -28.48
N ASP B 127 8.00 -0.62 -29.82
CA ASP B 127 8.90 -1.55 -30.53
C ASP B 127 8.68 -2.98 -30.05
N ASN B 128 7.43 -3.39 -29.96
CA ASN B 128 7.08 -4.68 -29.40
C ASN B 128 7.70 -4.87 -28.00
N PHE B 129 7.28 -3.99 -27.09
CA PHE B 129 7.68 -3.95 -25.67
C PHE B 129 9.17 -3.78 -25.47
N SER B 130 9.91 -3.32 -26.47
CA SER B 130 11.36 -3.16 -26.32
C SER B 130 11.80 -1.72 -26.05
N SER B 131 11.01 -0.71 -26.42
CA SER B 131 11.39 0.67 -26.19
C SER B 131 11.58 0.97 -24.69
N PRO B 132 12.42 1.96 -24.35
CA PRO B 132 12.67 2.23 -22.91
C PRO B 132 11.44 2.68 -22.18
N HIS B 133 10.42 3.13 -22.90
CA HIS B 133 9.19 3.66 -22.34
C HIS B 133 8.15 2.58 -22.06
N ALA B 134 8.45 1.33 -22.40
CA ALA B 134 7.52 0.28 -22.04
C ALA B 134 7.73 -0.20 -20.61
N ARG B 135 8.82 0.17 -19.95
CA ARG B 135 8.97 -0.18 -18.54
C ARG B 135 8.09 0.78 -17.77
N ARG B 136 6.99 0.28 -17.24
CA ARG B 136 5.95 1.11 -16.65
C ARG B 136 5.41 0.39 -15.45
N LYS B 137 4.82 1.14 -14.52
CA LYS B 137 4.14 0.49 -13.41
C LYS B 137 2.66 0.33 -13.67
N VAL B 138 1.98 1.33 -14.23
CA VAL B 138 0.55 1.23 -14.49
C VAL B 138 0.30 1.52 -15.96
N LEU B 139 -0.33 0.57 -16.64
CA LEU B 139 -0.84 0.77 -17.98
C LEU B 139 -2.36 1.01 -17.93
N ALA B 140 -2.86 1.74 -18.91
CA ALA B 140 -4.27 2.09 -18.93
C ALA B 140 -4.68 2.32 -20.38
N GLY B 141 -5.99 2.28 -20.64
CA GLY B 141 -6.45 2.41 -22.01
C GLY B 141 -7.95 2.52 -22.10
N VAL B 142 -8.42 2.96 -23.26
CA VAL B 142 -9.83 3.08 -23.55
C VAL B 142 -10.08 2.33 -24.84
N VAL B 143 -11.13 1.52 -24.85
CA VAL B 143 -11.44 0.66 -26.00
C VAL B 143 -12.88 0.91 -26.40
N MET B 144 -13.12 1.02 -27.71
CA MET B 144 -14.45 1.33 -28.21
C MET B 144 -15.05 0.13 -28.92
N THR B 145 -16.34 -0.08 -28.69
CA THR B 145 -17.12 -1.03 -29.43
C THR B 145 -18.28 -0.31 -30.08
N THR B 146 -18.64 -0.77 -31.27
CA THR B 146 -19.85 -0.36 -31.95
C THR B 146 -20.91 -1.45 -31.99
N GLY B 147 -20.53 -2.72 -31.93
CA GLY B 147 -21.50 -3.77 -32.15
C GLY B 147 -21.76 -4.67 -30.97
N THR B 148 -22.94 -5.32 -30.99
CA THR B 148 -23.19 -6.48 -30.14
C THR B 148 -22.16 -7.57 -30.43
N ASP B 149 -21.75 -7.69 -31.69
CA ASP B 149 -20.53 -8.38 -32.05
C ASP B 149 -19.35 -7.75 -31.33
N VAL B 150 -18.46 -8.58 -30.82
CA VAL B 150 -17.35 -8.08 -30.03
C VAL B 150 -16.05 -8.05 -30.80
N LYS B 151 -15.99 -8.65 -32.00
CA LYS B 151 -14.74 -8.69 -32.74
C LYS B 151 -14.39 -7.35 -33.39
N ASP B 152 -15.31 -6.37 -33.36
CA ASP B 152 -15.09 -5.08 -34.02
C ASP B 152 -14.76 -3.97 -33.03
N ALA B 153 -13.96 -4.25 -32.02
CA ALA B 153 -13.49 -3.21 -31.11
C ALA B 153 -12.45 -2.33 -31.81
N LYS B 154 -11.93 -1.35 -31.06
CA LYS B 154 -10.94 -0.41 -31.57
C LYS B 154 -10.28 0.30 -30.39
N VAL B 155 -8.96 0.22 -30.25
CA VAL B 155 -8.29 0.91 -29.15
C VAL B 155 -8.25 2.40 -29.45
N ILE B 156 -8.77 3.20 -28.52
CA ILE B 156 -8.90 4.63 -28.69
C ILE B 156 -7.72 5.37 -28.08
N SER B 157 -7.19 4.87 -26.97
CA SER B 157 -6.11 5.55 -26.29
C SER B 157 -5.38 4.57 -25.36
N VAL B 158 -4.09 4.83 -25.18
CA VAL B 158 -3.22 4.00 -24.33
C VAL B 158 -2.34 4.95 -23.51
N SER B 159 -2.20 4.68 -22.20
CA SER B 159 -1.37 5.53 -21.37
C SER B 159 -0.69 4.76 -20.24
N THR B 160 0.37 5.36 -19.73
CA THR B 160 1.03 4.92 -18.51
C THR B 160 1.17 6.11 -17.54
N GLY B 161 1.62 5.80 -16.33
CA GLY B 161 1.94 6.83 -15.38
C GLY B 161 1.39 6.54 -14.01
N THR B 162 2.18 6.81 -12.99
CA THR B 162 1.71 6.74 -11.61
C THR B 162 2.25 7.94 -10.82
N LYS B 163 2.14 9.14 -11.40
CA LYS B 163 2.77 10.31 -10.78
C LYS B 163 2.08 11.60 -11.22
N CYS B 164 2.45 12.68 -10.50
CA CYS B 164 1.72 13.94 -10.39
C CYS B 164 2.66 15.12 -10.39
N ILE B 165 2.22 16.23 -10.99
CA ILE B 165 3.04 17.43 -11.08
C ILE B 165 3.39 17.96 -9.69
N ASN B 166 4.56 18.60 -9.58
CA ASN B 166 5.05 19.11 -8.30
C ASN B 166 4.58 20.52 -8.07
N GLY B 167 4.64 20.92 -6.80
CA GLY B 167 4.12 22.22 -6.44
C GLY B 167 4.78 23.33 -7.24
N GLU B 168 6.10 23.28 -7.32
CA GLU B 168 6.80 24.37 -7.98
C GLU B 168 6.64 24.33 -9.50
N TYR B 169 5.97 23.33 -10.08
CA TYR B 169 5.96 23.17 -11.54
C TYR B 169 4.59 23.39 -12.17
N MET B 170 3.58 23.76 -11.40
CA MET B 170 2.24 24.00 -11.92
C MET B 170 2.22 25.25 -12.79
N SER B 171 1.47 25.20 -13.89
CA SER B 171 1.37 26.29 -14.85
C SER B 171 0.13 27.16 -14.61
N ASP B 172 0.27 28.46 -14.84
CA ASP B 172 -0.88 29.37 -14.88
C ASP B 172 -1.42 29.59 -16.28
N ARG B 173 -0.74 29.10 -17.32
CA ARG B 173 -1.12 29.30 -18.71
C ARG B 173 -1.78 28.07 -19.32
N GLY B 174 -2.21 27.12 -18.47
CA GLY B 174 -2.70 25.83 -18.93
C GLY B 174 -1.69 24.98 -19.68
N LEU B 175 -0.42 25.03 -19.30
CA LEU B 175 0.62 24.40 -20.09
C LEU B 175 1.27 23.18 -19.44
N ALA B 176 0.70 22.63 -18.37
CA ALA B 176 1.33 21.51 -17.69
C ALA B 176 0.25 20.54 -17.22
N LEU B 177 0.52 19.24 -17.35
CA LEU B 177 -0.45 18.26 -16.89
C LEU B 177 -0.34 18.12 -15.38
N ASN B 178 -1.44 18.48 -14.67
CA ASN B 178 -1.46 18.31 -13.22
C ASN B 178 -1.36 16.84 -12.81
N ASP B 179 -2.05 15.95 -13.52
CA ASP B 179 -2.12 14.56 -13.09
C ASP B 179 -1.69 13.68 -14.26
N CYS B 180 -0.67 12.84 -14.03
CA CYS B 180 -0.21 11.93 -15.07
C CYS B 180 -0.42 10.48 -14.71
N HIS B 181 -1.19 10.18 -13.69
CA HIS B 181 -1.62 8.81 -13.51
C HIS B 181 -2.28 8.29 -14.77
N ALA B 182 -2.09 6.98 -15.02
CA ALA B 182 -2.47 6.37 -16.29
C ALA B 182 -3.94 6.58 -16.61
N GLU B 183 -4.84 6.23 -15.69
CA GLU B 183 -6.26 6.38 -15.96
C GLU B 183 -6.57 7.79 -16.46
N ILE B 184 -5.99 8.79 -15.81
CA ILE B 184 -6.36 10.17 -16.07
C ILE B 184 -5.88 10.58 -17.46
N ILE B 185 -4.63 10.26 -17.75
CA ILE B 185 -4.08 10.54 -19.07
C ILE B 185 -4.93 9.87 -20.15
N SER B 186 -5.36 8.62 -19.90
CA SER B 186 -6.24 7.94 -20.85
C SER B 186 -7.52 8.73 -21.11
N ARG B 187 -8.13 9.30 -20.06
CA ARG B 187 -9.38 10.05 -20.28
C ARG B 187 -9.13 11.31 -21.12
N ARG B 188 -8.00 11.99 -20.87
CA ARG B 188 -7.70 13.16 -21.69
C ARG B 188 -7.52 12.76 -23.16
N SER B 189 -6.90 11.60 -23.41
CA SER B 189 -6.82 11.11 -24.80
C SER B 189 -8.22 10.78 -25.35
N LEU B 190 -9.12 10.27 -24.51
CA LEU B 190 -10.50 10.08 -24.96
C LEU B 190 -11.12 11.41 -25.38
N LEU B 191 -10.81 12.50 -24.65
CA LEU B 191 -11.24 13.84 -25.06
C LEU B 191 -10.65 14.26 -26.41
N ARG B 192 -9.36 13.97 -26.64
CA ARG B 192 -8.77 14.26 -27.95
C ARG B 192 -9.50 13.52 -29.08
N PHE B 193 -9.83 12.25 -28.83
CA PHE B 193 -10.60 11.47 -29.78
C PHE B 193 -11.99 12.09 -30.02
N LEU B 194 -12.64 12.56 -28.93
CA LEU B 194 -13.95 13.19 -29.05
C LEU B 194 -13.91 14.45 -29.90
N TYR B 195 -12.89 15.32 -29.69
CA TYR B 195 -12.78 16.51 -30.54
C TYR B 195 -12.56 16.11 -32.00
N THR B 196 -11.72 15.10 -32.24
CA THR B 196 -11.48 14.62 -33.60
C THR B 196 -12.78 14.17 -34.26
N GLN B 197 -13.63 13.48 -33.49
CA GLN B 197 -14.87 12.97 -34.06
C GLN B 197 -15.85 14.10 -34.37
N LEU B 198 -15.90 15.12 -33.51
CA LEU B 198 -16.74 16.27 -33.79
C LEU B 198 -16.25 17.01 -35.03
N GLU B 199 -14.94 17.27 -35.11
CA GLU B 199 -14.39 17.91 -36.29
C GLU B 199 -14.66 17.09 -37.55
N LEU B 200 -14.64 15.75 -37.42
CA LEU B 200 -14.96 14.86 -38.54
C LEU B 200 -16.39 15.03 -39.00
N TYR B 201 -17.35 14.96 -38.06
CA TYR B 201 -18.73 15.23 -38.44
C TYR B 201 -18.88 16.61 -39.09
N LEU B 202 -18.13 17.61 -38.62
CA LEU B 202 -18.36 18.98 -39.01
C LEU B 202 -17.53 19.46 -40.19
N ASN B 203 -16.72 18.61 -40.80
CA ASN B 203 -15.94 19.06 -41.94
C ASN B 203 -16.54 18.68 -43.28
N ASN B 204 -17.53 17.79 -43.30
CA ASN B 204 -18.09 17.33 -44.55
C ASN B 204 -19.37 16.56 -44.30
N LYS B 205 -20.37 16.81 -45.14
CA LYS B 205 -21.61 16.05 -45.05
C LYS B 205 -21.37 14.59 -45.40
N ASP B 206 -20.32 14.31 -46.18
CA ASP B 206 -19.89 12.94 -46.46
C ASP B 206 -19.41 12.24 -45.19
N ASP B 207 -18.56 12.91 -44.40
CA ASP B 207 -17.95 12.34 -43.20
C ASP B 207 -18.89 12.23 -42.03
N GLN B 208 -20.08 12.83 -42.11
CA GLN B 208 -20.99 12.71 -40.99
C GLN B 208 -21.35 11.26 -40.75
N LYS B 209 -21.44 10.47 -41.84
CA LYS B 209 -21.80 9.06 -41.73
C LYS B 209 -20.73 8.25 -41.03
N ARG B 210 -19.51 8.76 -40.96
CA ARG B 210 -18.39 8.08 -40.34
C ARG B 210 -18.07 8.60 -38.95
N SER B 211 -18.65 9.71 -38.54
CA SER B 211 -18.44 10.21 -37.19
C SER B 211 -19.15 9.32 -36.19
N ILE B 212 -18.67 9.35 -34.93
CA ILE B 212 -19.36 8.63 -33.87
C ILE B 212 -20.57 9.38 -33.36
N PHE B 213 -20.81 10.59 -33.86
CA PHE B 213 -21.83 11.49 -33.32
C PHE B 213 -22.97 11.66 -34.30
N GLN B 214 -24.18 11.72 -33.74
CA GLN B 214 -25.39 12.19 -34.38
C GLN B 214 -25.73 13.59 -33.89
N LYS B 215 -26.45 14.32 -34.73
CA LYS B 215 -27.34 15.37 -34.26
C LYS B 215 -28.34 14.80 -33.25
N SER B 216 -28.60 15.55 -32.19
CA SER B 216 -29.42 15.09 -31.08
C SER B 216 -30.74 15.84 -31.01
N GLU B 217 -31.79 15.10 -30.64
CA GLU B 217 -33.17 15.61 -30.61
C GLU B 217 -33.36 16.71 -29.56
N ARG B 218 -32.77 16.54 -28.38
CA ARG B 218 -32.79 17.56 -27.34
C ARG B 218 -31.78 18.66 -27.59
N GLY B 219 -31.01 18.57 -28.67
CA GLY B 219 -30.09 19.63 -29.03
C GLY B 219 -28.67 19.12 -29.03
N GLY B 220 -27.79 19.77 -29.81
CA GLY B 220 -26.38 19.43 -29.92
C GLY B 220 -26.19 18.05 -30.53
N PHE B 221 -25.16 17.34 -30.05
CA PHE B 221 -24.81 16.01 -30.54
C PHE B 221 -24.94 14.95 -29.45
N ARG B 222 -25.31 13.76 -29.89
CA ARG B 222 -25.31 12.57 -29.04
C ARG B 222 -24.50 11.47 -29.76
N LEU B 223 -24.11 10.44 -29.02
CA LEU B 223 -23.43 9.33 -29.66
C LEU B 223 -24.40 8.50 -30.49
N LYS B 224 -23.90 7.95 -31.60
CA LYS B 224 -24.68 7.03 -32.41
C LYS B 224 -24.93 5.76 -31.61
N GLU B 225 -26.17 5.27 -31.65
CA GLU B 225 -26.62 4.23 -30.72
C GLU B 225 -25.70 3.02 -30.77
N ASN B 226 -25.46 2.43 -29.59
CA ASN B 226 -24.63 1.24 -29.38
C ASN B 226 -23.13 1.50 -29.56
N VAL B 227 -22.69 2.75 -29.55
CA VAL B 227 -21.27 3.09 -29.46
C VAL B 227 -20.91 3.24 -27.99
N GLN B 228 -20.05 2.37 -27.48
CA GLN B 228 -19.73 2.49 -26.06
C GLN B 228 -18.24 2.35 -25.83
N PHE B 229 -17.78 2.96 -24.73
CA PHE B 229 -16.38 3.03 -24.35
C PHE B 229 -16.13 2.28 -23.06
N HIS B 230 -15.00 1.58 -23.00
CA HIS B 230 -14.63 0.79 -21.83
C HIS B 230 -13.24 1.20 -21.36
N LEU B 231 -13.04 1.18 -20.04
CA LEU B 231 -11.82 1.68 -19.41
C LEU B 231 -11.01 0.51 -18.83
N TYR B 232 -9.74 0.39 -19.23
CA TYR B 232 -8.82 -0.61 -18.68
C TYR B 232 -7.73 0.08 -17.86
N ILE B 233 -7.48 -0.41 -16.65
CA ILE B 233 -6.35 0.01 -15.84
C ILE B 233 -5.60 -1.25 -15.38
N SER B 234 -4.26 -1.24 -15.50
CA SER B 234 -3.46 -2.40 -15.08
C SER B 234 -3.76 -2.81 -13.64
N THR B 235 -4.11 -1.86 -12.79
CA THR B 235 -4.41 -2.13 -11.39
C THR B 235 -5.65 -1.33 -10.99
N SER B 236 -6.02 -1.50 -9.73
CA SER B 236 -7.17 -0.81 -9.20
C SER B 236 -6.82 0.67 -9.00
N PRO B 237 -7.78 1.59 -9.24
CA PRO B 237 -7.48 3.03 -9.09
C PRO B 237 -7.05 3.31 -7.67
N CYS B 238 -6.18 4.29 -7.51
CA CYS B 238 -5.70 4.60 -6.17
C CYS B 238 -6.80 5.22 -5.31
N GLY B 239 -6.49 5.33 -4.05
CA GLY B 239 -7.51 5.76 -3.13
C GLY B 239 -8.42 4.61 -2.82
N ASP B 240 -9.73 4.84 -2.94
CA ASP B 240 -10.66 4.03 -2.17
C ASP B 240 -10.77 2.61 -2.71
N ALA B 241 -10.78 2.43 -4.04
CA ALA B 241 -10.90 1.07 -4.57
C ALA B 241 -9.72 0.17 -4.20
N ARG B 242 -8.66 0.73 -3.58
CA ARG B 242 -7.46 -0.05 -3.29
C ARG B 242 -7.19 -0.18 -1.79
N ILE B 243 -8.12 0.17 -0.93
CA ILE B 243 -7.87 0.09 0.51
C ILE B 243 -8.51 -1.21 1.01
N PHE B 244 -7.77 -2.31 0.88
CA PHE B 244 -8.14 -3.66 1.33
C PHE B 244 -6.92 -4.55 1.26
N SER B 245 -6.98 -5.65 2.02
CA SER B 245 -5.99 -6.71 1.95
C SER B 245 -6.40 -7.71 0.89
N PRO B 246 -5.60 -7.92 -0.15
CA PRO B 246 -6.02 -8.89 -1.18
C PRO B 246 -6.02 -10.33 -0.70
N HIS B 247 -5.40 -10.64 0.43
CA HIS B 247 -5.38 -12.00 0.91
C HIS B 247 -6.32 -12.24 2.10
N GLU B 248 -7.30 -11.37 2.31
CA GLU B 248 -8.42 -11.62 3.23
C GLU B 248 -9.64 -10.87 2.70
N PRO B 249 -10.22 -11.35 1.61
CA PRO B 249 -11.50 -10.76 1.16
C PRO B 249 -12.75 -11.49 1.68
N ILE B 250 -13.14 -11.31 2.95
CA ILE B 250 -14.33 -12.00 3.46
C ILE B 250 -14.95 -11.32 4.68
N ALA B 263 -13.79 -0.04 3.75
CA ALA B 263 -15.23 -0.06 4.00
C ALA B 263 -15.83 1.31 4.38
N ARG B 264 -15.06 2.40 4.24
CA ARG B 264 -15.49 3.77 4.61
C ARG B 264 -15.03 4.71 3.50
N GLY B 265 -15.86 4.93 2.49
CA GLY B 265 -15.35 5.45 1.21
C GLY B 265 -14.83 6.88 1.12
N GLN B 266 -13.95 7.23 2.06
CA GLN B 266 -13.45 8.59 2.22
C GLN B 266 -12.79 9.09 0.95
N LEU B 267 -13.09 10.33 0.58
CA LEU B 267 -12.28 11.04 -0.41
C LEU B 267 -10.82 11.10 0.04
N ARG B 268 -9.90 10.80 -0.89
CA ARG B 268 -8.47 10.75 -0.62
C ARG B 268 -7.75 11.58 -1.68
N THR B 269 -6.59 12.12 -1.33
CA THR B 269 -5.79 12.90 -2.26
C THR B 269 -4.43 12.23 -2.46
N LYS B 270 -3.89 12.32 -3.69
CA LYS B 270 -2.53 11.81 -3.96
C LYS B 270 -1.53 12.58 -3.15
N ILE B 271 -0.60 11.87 -2.52
CA ILE B 271 0.51 12.52 -1.85
C ILE B 271 1.54 12.87 -2.90
N GLU B 272 2.05 14.10 -2.87
CA GLU B 272 3.15 14.42 -3.80
C GLU B 272 4.36 13.59 -3.35
N SER B 273 5.36 13.45 -4.22
CA SER B 273 6.57 12.62 -3.91
C SER B 273 6.29 11.15 -4.21
N GLY B 274 5.62 10.44 -3.31
CA GLY B 274 5.44 8.99 -3.49
C GLY B 274 4.13 8.61 -4.17
N GLN B 275 3.97 7.32 -4.50
CA GLN B 275 2.69 6.82 -5.07
C GLN B 275 1.75 6.55 -3.90
N GLY B 276 0.48 6.28 -4.17
CA GLY B 276 -0.46 6.14 -3.07
C GLY B 276 -1.05 7.46 -2.58
N THR B 277 -2.10 7.32 -1.77
CA THR B 277 -2.98 8.42 -1.38
C THR B 277 -3.18 8.41 0.13
N ILE B 278 -3.79 9.49 0.61
CA ILE B 278 -4.13 9.69 2.03
C ILE B 278 -5.49 10.38 2.10
N PRO B 279 -6.31 10.09 3.10
CA PRO B 279 -7.71 10.54 3.05
C PRO B 279 -7.81 12.06 3.18
N VAL B 280 -8.85 12.61 2.55
CA VAL B 280 -9.10 14.03 2.65
C VAL B 280 -9.36 14.37 4.11
N ARG B 281 -8.72 15.42 4.58
CA ARG B 281 -8.85 15.86 5.97
C ARG B 281 -10.17 16.59 6.13
N SER B 282 -11.08 16.03 6.93
CA SER B 282 -12.46 16.47 6.95
C SER B 282 -12.61 17.94 7.37
N ASN B 283 -11.58 18.54 7.97
CA ASN B 283 -11.51 19.99 8.13
C ASN B 283 -10.08 20.46 7.95
N ALA B 284 -9.82 21.21 6.88
CA ALA B 284 -8.56 21.86 6.54
C ALA B 284 -8.84 22.88 5.45
N SER B 285 -7.95 23.88 5.34
CA SER B 285 -8.19 25.03 4.46
C SER B 285 -8.04 24.64 2.98
N ILE B 286 -8.79 25.34 2.11
CA ILE B 286 -8.76 25.08 0.67
C ILE B 286 -7.52 25.73 0.06
N GLN B 287 -7.06 25.18 -1.07
CA GLN B 287 -5.83 25.61 -1.71
C GLN B 287 -5.98 26.96 -2.39
N THR B 288 -4.85 27.68 -2.51
CA THR B 288 -4.72 28.88 -3.33
C THR B 288 -3.33 28.88 -3.98
N TRP B 289 -3.20 29.68 -5.05
CA TRP B 289 -2.03 29.58 -5.92
C TRP B 289 -0.73 29.94 -5.20
N ASP B 290 -0.74 30.98 -4.37
CA ASP B 290 0.46 31.38 -3.65
C ASP B 290 0.73 30.50 -2.43
N GLY B 291 -0.24 29.68 -2.01
CA GLY B 291 -0.04 28.80 -0.88
C GLY B 291 0.67 27.50 -1.20
N VAL B 292 0.74 27.11 -2.48
CA VAL B 292 1.38 25.86 -2.87
C VAL B 292 2.87 26.08 -3.08
N LEU B 293 3.37 27.27 -2.69
CA LEU B 293 4.78 27.59 -2.81
C LEU B 293 5.38 28.17 -1.52
N GLN B 294 4.67 28.10 -0.39
CA GLN B 294 5.24 28.52 0.89
C GLN B 294 5.09 27.48 2.00
N GLY B 295 3.96 26.79 2.08
CA GLY B 295 3.76 25.80 3.13
C GLY B 295 3.37 24.39 2.71
N GLU B 296 2.72 24.24 1.55
CA GLU B 296 2.05 22.99 1.21
C GLU B 296 2.29 22.60 -0.25
N ARG B 297 2.08 21.31 -0.54
CA ARG B 297 2.18 20.79 -1.89
C ARG B 297 0.82 20.85 -2.59
N LEU B 298 0.79 20.40 -3.84
CA LEU B 298 -0.43 20.40 -4.64
C LEU B 298 -1.26 19.16 -4.30
N LEU B 299 -2.50 19.38 -3.84
CA LEU B 299 -3.41 18.29 -3.48
C LEU B 299 -4.26 17.94 -4.70
N THR B 300 -4.02 16.77 -5.28
CA THR B 300 -4.75 16.29 -6.44
C THR B 300 -5.64 15.15 -6.01
N MET B 301 -6.86 15.10 -6.54
CA MET B 301 -7.73 14.03 -6.08
C MET B 301 -7.26 12.69 -6.65
N SER B 302 -7.58 11.62 -5.91
CA SER B 302 -7.21 10.25 -6.23
C SER B 302 -7.98 9.75 -7.45
N CYS B 303 -7.48 8.66 -8.05
CA CYS B 303 -8.11 8.22 -9.29
C CYS B 303 -9.48 7.59 -9.04
N SER B 304 -9.66 6.93 -7.88
CA SER B 304 -10.98 6.39 -7.54
C SER B 304 -12.01 7.51 -7.56
N ASP B 305 -11.70 8.61 -6.87
CA ASP B 305 -12.64 9.72 -6.76
C ASP B 305 -12.93 10.33 -8.13
N LYS B 306 -11.90 10.49 -8.96
CA LYS B 306 -12.10 11.06 -10.29
C LYS B 306 -12.97 10.18 -11.16
N ILE B 307 -12.83 8.85 -11.03
CA ILE B 307 -13.69 7.94 -11.79
C ILE B 307 -15.13 7.96 -11.27
N ALA B 308 -15.31 7.99 -9.96
CA ALA B 308 -16.66 8.16 -9.40
C ALA B 308 -17.31 9.44 -9.93
N ARG B 309 -16.61 10.57 -9.80
CA ARG B 309 -16.92 11.82 -10.49
C ARG B 309 -17.37 11.57 -11.93
N TRP B 310 -16.53 10.92 -12.72
CA TRP B 310 -16.89 10.60 -14.10
C TRP B 310 -18.20 9.83 -14.20
N ASN B 311 -18.49 8.95 -13.23
CA ASN B 311 -19.73 8.17 -13.27
C ASN B 311 -21.00 9.01 -13.01
N VAL B 312 -20.87 10.34 -12.83
CA VAL B 312 -21.99 11.21 -12.54
C VAL B 312 -22.02 12.35 -13.54
N VAL B 313 -20.90 13.06 -13.68
CA VAL B 313 -20.82 14.16 -14.67
C VAL B 313 -20.43 13.67 -16.06
N GLY B 314 -20.10 12.39 -16.21
CA GLY B 314 -19.65 11.88 -17.49
C GLY B 314 -18.15 11.95 -17.62
N ILE B 315 -17.64 11.28 -18.66
CA ILE B 315 -16.19 11.30 -18.90
C ILE B 315 -15.76 12.42 -19.82
N GLN B 316 -16.67 13.31 -20.24
CA GLN B 316 -16.33 14.29 -21.25
C GLN B 316 -15.99 15.66 -20.71
N GLY B 317 -16.15 15.90 -19.40
CA GLY B 317 -15.78 17.17 -18.81
C GLY B 317 -16.75 18.29 -19.17
N SER B 318 -16.46 19.47 -18.63
CA SER B 318 -17.36 20.60 -18.83
C SER B 318 -17.35 21.10 -20.28
N LEU B 319 -16.16 21.35 -20.85
CA LEU B 319 -16.13 22.04 -22.14
C LEU B 319 -16.79 21.23 -23.25
N LEU B 320 -16.46 19.95 -23.34
CA LEU B 320 -17.13 19.13 -24.34
C LEU B 320 -18.64 19.06 -24.11
N SER B 321 -19.09 19.19 -22.85
CA SER B 321 -20.52 19.05 -22.61
C SER B 321 -21.31 20.16 -23.28
N ILE B 322 -20.68 21.30 -23.55
CA ILE B 322 -21.41 22.36 -24.26
C ILE B 322 -21.78 21.93 -25.69
N PHE B 323 -21.19 20.84 -26.19
CA PHE B 323 -21.44 20.32 -27.54
C PHE B 323 -22.14 18.98 -27.58
N VAL B 324 -21.95 18.12 -26.58
CA VAL B 324 -22.41 16.74 -26.68
C VAL B 324 -23.18 16.35 -25.42
N GLU B 325 -24.03 15.33 -25.58
CA GLU B 325 -24.74 14.80 -24.44
C GLU B 325 -23.81 13.93 -23.59
N PRO B 326 -24.04 13.88 -22.25
CA PRO B 326 -23.15 13.14 -21.35
C PRO B 326 -22.67 11.79 -21.87
N ILE B 327 -21.41 11.47 -21.62
CA ILE B 327 -20.81 10.23 -22.06
C ILE B 327 -20.35 9.50 -20.82
N TYR B 328 -20.73 8.23 -20.70
CA TYR B 328 -20.28 7.43 -19.58
C TYR B 328 -19.60 6.16 -20.09
N PHE B 329 -18.61 5.73 -19.33
CA PHE B 329 -18.01 4.41 -19.54
C PHE B 329 -19.03 3.30 -19.28
N SER B 330 -18.96 2.25 -20.10
CA SER B 330 -19.73 1.05 -19.83
C SER B 330 -19.01 0.06 -18.95
N SER B 331 -17.67 0.04 -18.96
CA SER B 331 -16.89 -1.00 -18.29
C SER B 331 -15.67 -0.42 -17.61
N ILE B 332 -15.34 -0.93 -16.42
CA ILE B 332 -14.06 -0.65 -15.79
C ILE B 332 -13.41 -2.00 -15.51
N ILE B 333 -12.42 -2.35 -16.34
CA ILE B 333 -11.73 -3.65 -16.33
C ILE B 333 -10.38 -3.47 -15.66
N LEU B 334 -10.14 -4.21 -14.59
CA LEU B 334 -8.87 -4.15 -13.87
C LEU B 334 -8.03 -5.36 -14.21
N GLY B 335 -6.75 -5.13 -14.51
CA GLY B 335 -5.81 -6.21 -14.75
C GLY B 335 -5.18 -6.76 -13.50
N SER B 336 -5.58 -6.28 -12.34
CA SER B 336 -5.11 -6.77 -11.05
C SER B 336 -5.84 -6.01 -9.95
N LEU B 337 -5.74 -6.53 -8.72
CA LEU B 337 -6.34 -5.92 -7.54
C LEU B 337 -7.81 -5.63 -7.75
N TYR B 338 -8.48 -6.48 -8.53
CA TYR B 338 -9.92 -6.41 -8.63
C TYR B 338 -10.52 -6.97 -7.35
N HIS B 339 -11.43 -6.21 -6.76
CA HIS B 339 -12.25 -6.71 -5.67
C HIS B 339 -13.64 -6.14 -5.83
N GLY B 340 -14.64 -7.02 -5.95
CA GLY B 340 -15.98 -6.58 -6.32
C GLY B 340 -16.60 -5.58 -5.35
N ASP B 341 -16.45 -5.81 -4.04
CA ASP B 341 -17.09 -4.94 -3.05
C ASP B 341 -16.45 -3.55 -3.01
N HIS B 342 -15.13 -3.51 -2.81
CA HIS B 342 -14.42 -2.25 -2.68
C HIS B 342 -14.50 -1.41 -3.94
N LEU B 343 -14.39 -2.05 -5.11
CA LEU B 343 -14.54 -1.30 -6.36
C LEU B 343 -15.97 -0.82 -6.53
N SER B 344 -16.96 -1.63 -6.16
CA SER B 344 -18.34 -1.15 -6.20
C SER B 344 -18.48 0.12 -5.37
N ARG B 345 -17.95 0.09 -4.14
CA ARG B 345 -18.03 1.27 -3.27
C ARG B 345 -17.32 2.47 -3.89
N ALA B 346 -16.07 2.28 -4.30
CA ALA B 346 -15.30 3.36 -4.86
C ALA B 346 -15.98 3.99 -6.07
N MET B 347 -16.52 3.16 -6.97
CA MET B 347 -16.97 3.64 -8.29
C MET B 347 -18.37 4.26 -8.27
N TYR B 348 -19.35 3.59 -7.65
CA TYR B 348 -20.65 4.27 -7.56
C TYR B 348 -21.38 4.16 -6.23
N GLN B 349 -21.23 3.06 -5.46
CA GLN B 349 -22.11 2.84 -4.33
C GLN B 349 -21.95 3.91 -3.25
N ARG B 350 -20.71 4.34 -2.96
CA ARG B 350 -20.49 5.26 -1.85
C ARG B 350 -21.28 6.57 -2.00
N ILE B 351 -21.63 6.98 -3.22
CA ILE B 351 -22.41 8.21 -3.40
C ILE B 351 -23.79 7.89 -3.97
N SER B 352 -24.34 6.72 -3.64
CA SER B 352 -25.72 6.40 -3.98
C SER B 352 -26.71 7.48 -3.54
N ASN B 353 -26.35 8.26 -2.51
CA ASN B 353 -27.15 9.30 -1.87
C ASN B 353 -27.20 10.60 -2.66
N ILE B 354 -26.83 10.57 -3.93
CA ILE B 354 -26.86 11.78 -4.74
C ILE B 354 -28.30 12.06 -5.17
N GLU B 355 -28.68 13.34 -5.22
CA GLU B 355 -30.05 13.74 -5.48
C GLU B 355 -30.09 14.86 -6.52
N ASP B 356 -31.15 14.83 -7.34
CA ASP B 356 -31.50 15.93 -8.25
C ASP B 356 -30.44 16.23 -9.28
N LEU B 357 -30.11 15.22 -10.08
CA LEU B 357 -29.18 15.39 -11.18
C LEU B 357 -29.89 16.00 -12.38
N PRO B 358 -29.24 16.91 -13.09
CA PRO B 358 -29.89 17.57 -14.23
C PRO B 358 -30.27 16.54 -15.27
N PRO B 359 -30.94 16.94 -16.35
CA PRO B 359 -31.39 15.94 -17.30
C PRO B 359 -30.23 15.37 -18.10
N LEU B 360 -30.30 14.06 -18.30
CA LEU B 360 -29.35 13.14 -18.92
C LEU B 360 -28.19 12.80 -17.97
N TYR B 361 -28.01 13.51 -16.86
CA TYR B 361 -27.01 13.05 -15.91
C TYR B 361 -27.62 11.92 -15.09
N THR B 362 -26.80 11.21 -14.34
CA THR B 362 -27.24 10.00 -13.66
C THR B 362 -26.08 9.43 -12.84
N LEU B 363 -26.42 8.48 -11.96
CA LEU B 363 -25.38 7.64 -11.33
C LEU B 363 -25.17 6.42 -12.22
N ASN B 364 -24.29 6.60 -13.21
CA ASN B 364 -23.83 5.49 -14.01
C ASN B 364 -23.32 4.37 -13.12
N LYS B 365 -23.76 3.15 -13.40
CA LYS B 365 -23.29 1.96 -12.69
C LYS B 365 -22.77 1.01 -13.75
N PRO B 366 -21.53 1.21 -14.20
CA PRO B 366 -20.99 0.43 -15.32
C PRO B 366 -20.58 -0.96 -14.86
N LEU B 367 -20.28 -1.79 -15.85
CA LEU B 367 -19.77 -3.12 -15.55
C LEU B 367 -18.36 -3.01 -14.96
N LEU B 368 -18.14 -3.70 -13.84
CA LEU B 368 -16.82 -3.84 -13.24
C LEU B 368 -16.37 -5.28 -13.37
N SER B 369 -15.10 -5.50 -13.76
CA SER B 369 -14.57 -6.85 -13.88
C SER B 369 -13.04 -6.87 -13.74
N GLY B 370 -12.53 -7.98 -13.22
CA GLY B 370 -11.14 -8.32 -13.36
C GLY B 370 -10.90 -8.99 -14.70
N ILE B 371 -9.67 -9.45 -14.89
CA ILE B 371 -9.36 -10.25 -16.08
C ILE B 371 -8.98 -11.65 -15.65
N SER B 372 -8.70 -12.53 -16.61
CA SER B 372 -8.37 -13.88 -16.19
C SER B 372 -6.97 -13.91 -15.61
N ASN B 373 -5.97 -13.76 -16.48
CA ASN B 373 -4.57 -13.87 -16.08
C ASN B 373 -4.06 -12.49 -15.65
N ALA B 374 -4.56 -12.06 -14.50
CA ALA B 374 -4.17 -10.79 -13.93
C ALA B 374 -2.66 -10.72 -13.72
N GLU B 375 -2.10 -9.53 -13.93
CA GLU B 375 -0.66 -9.37 -13.78
C GLU B 375 -0.28 -9.31 -12.31
N ALA B 376 1.03 -9.26 -12.05
CA ALA B 376 1.61 -9.45 -10.74
C ALA B 376 2.17 -8.15 -10.17
N ARG B 377 2.36 -8.12 -8.84
CA ARG B 377 2.89 -6.95 -8.15
C ARG B 377 4.40 -6.90 -8.29
N GLN B 378 4.92 -5.89 -9.01
CA GLN B 378 6.35 -5.74 -9.15
C GLN B 378 6.81 -4.76 -8.09
N PRO B 379 7.42 -5.19 -7.02
CA PRO B 379 7.78 -4.24 -5.97
C PRO B 379 8.97 -3.37 -6.36
N GLY B 380 8.69 -2.16 -6.80
CA GLY B 380 9.79 -1.28 -7.17
C GLY B 380 9.33 0.15 -7.29
N LYS B 381 10.32 1.00 -7.54
CA LYS B 381 10.10 2.43 -7.60
C LYS B 381 9.38 2.82 -8.88
N ALA B 382 8.53 3.84 -8.78
CA ALA B 382 7.71 4.27 -9.91
C ALA B 382 8.58 4.84 -11.05
N PRO B 383 8.21 4.58 -12.31
CA PRO B 383 8.82 5.35 -13.39
C PRO B 383 8.48 6.83 -13.24
N ASN B 384 9.21 7.67 -13.95
CA ASN B 384 9.05 9.09 -13.79
C ASN B 384 8.40 9.72 -14.99
N PHE B 385 8.10 8.92 -16.00
CA PHE B 385 7.51 9.41 -17.22
C PHE B 385 6.13 8.82 -17.37
N SER B 386 5.31 9.50 -18.15
CA SER B 386 3.98 9.06 -18.50
C SER B 386 3.90 9.03 -20.01
N VAL B 387 3.38 7.94 -20.54
CA VAL B 387 3.28 7.73 -21.98
C VAL B 387 1.82 7.88 -22.39
N ASN B 388 1.56 8.57 -23.50
CA ASN B 388 0.19 8.61 -23.99
C ASN B 388 0.13 8.53 -25.51
N TRP B 389 -0.97 7.98 -25.98
CA TRP B 389 -1.21 7.83 -27.40
C TRP B 389 -2.72 7.80 -27.58
N THR B 390 -3.20 8.49 -28.61
CA THR B 390 -4.59 8.41 -29.03
C THR B 390 -4.62 7.87 -30.44
N VAL B 391 -5.68 7.11 -30.74
CA VAL B 391 -5.89 6.63 -32.09
C VAL B 391 -5.94 7.84 -33.02
N GLY B 392 -5.13 7.78 -34.08
CA GLY B 392 -4.95 8.91 -34.97
C GLY B 392 -3.50 9.33 -35.00
N ASP B 393 -2.89 9.38 -33.81
CA ASP B 393 -1.50 9.76 -33.80
C ASP B 393 -0.63 8.64 -34.30
N SER B 394 0.55 9.01 -34.76
CA SER B 394 1.53 8.07 -35.26
C SER B 394 2.45 7.53 -34.17
N ALA B 395 2.63 8.24 -33.06
CA ALA B 395 3.56 7.82 -32.02
C ALA B 395 3.09 8.22 -30.63
N ILE B 396 3.63 7.54 -29.62
CA ILE B 396 3.38 7.95 -28.26
C ILE B 396 4.09 9.26 -27.98
N GLU B 397 3.60 9.97 -26.97
CA GLU B 397 4.25 11.16 -26.43
C GLU B 397 4.61 10.88 -24.97
N VAL B 398 5.77 11.39 -24.54
CA VAL B 398 6.35 11.06 -23.23
C VAL B 398 6.36 12.34 -22.41
N ILE B 399 5.90 12.26 -21.15
CA ILE B 399 5.79 13.43 -20.27
C ILE B 399 6.49 13.15 -18.96
N ASN B 400 7.33 14.08 -18.54
CA ASN B 400 7.82 14.02 -17.17
C ASN B 400 6.65 14.36 -16.24
N ALA B 401 6.09 13.34 -15.57
CA ALA B 401 4.94 13.56 -14.70
C ALA B 401 5.22 14.54 -13.59
N THR B 402 6.49 14.74 -13.22
CA THR B 402 6.85 15.68 -12.17
C THR B 402 6.78 17.13 -12.62
N THR B 403 7.06 17.44 -13.89
CA THR B 403 6.91 18.80 -14.41
C THR B 403 5.70 18.97 -15.31
N GLY B 404 4.97 17.90 -15.60
CA GLY B 404 3.81 17.99 -16.46
C GLY B 404 4.14 18.42 -17.87
N LYS B 405 5.41 18.39 -18.24
CA LYS B 405 5.83 18.77 -19.57
C LYS B 405 6.52 17.57 -20.20
N ASP B 406 6.63 17.62 -21.53
CA ASP B 406 7.33 16.56 -22.24
C ASP B 406 8.84 16.72 -22.02
N GLU B 407 9.58 15.63 -22.21
CA GLU B 407 10.85 15.59 -21.49
C GLU B 407 11.89 16.52 -22.08
N LEU B 408 11.58 17.33 -23.09
CA LEU B 408 12.39 18.49 -23.43
C LEU B 408 11.62 19.79 -23.26
N GLY B 409 10.72 19.84 -22.28
CA GLY B 409 10.26 21.08 -21.70
C GLY B 409 9.08 21.74 -22.35
N ARG B 410 8.32 21.04 -23.18
CA ARG B 410 7.20 21.60 -23.93
C ARG B 410 5.85 21.10 -23.39
N ALA B 411 4.79 21.74 -23.89
CA ALA B 411 3.42 21.47 -23.49
C ALA B 411 2.86 20.26 -24.25
N SER B 412 2.15 19.41 -23.51
CA SER B 412 1.63 18.15 -24.02
C SER B 412 0.39 18.41 -24.86
N ARG B 413 0.13 17.51 -25.82
CA ARG B 413 -1.10 17.61 -26.59
C ARG B 413 -2.31 17.43 -25.70
N LEU B 414 -2.09 16.94 -24.48
CA LEU B 414 -3.11 16.65 -23.50
C LEU B 414 -3.38 17.80 -22.53
N CYS B 415 -2.56 18.86 -22.51
CA CYS B 415 -2.68 19.82 -21.42
C CYS B 415 -3.95 20.69 -21.57
N LYS B 416 -4.33 21.35 -20.47
CA LYS B 416 -5.46 22.29 -20.49
C LYS B 416 -5.48 23.15 -21.78
N HIS B 417 -4.35 23.82 -22.09
CA HIS B 417 -4.27 24.79 -23.19
C HIS B 417 -4.56 24.14 -24.54
N ALA B 418 -4.02 22.93 -24.76
CA ALA B 418 -4.17 22.25 -26.04
C ALA B 418 -5.61 21.77 -26.24
N LEU B 419 -6.20 21.18 -25.19
CA LEU B 419 -7.58 20.76 -25.30
C LEU B 419 -8.44 21.95 -25.64
N TYR B 420 -8.25 23.04 -24.89
CA TYR B 420 -8.99 24.27 -25.13
C TYR B 420 -8.80 24.78 -26.55
N CYS B 421 -7.63 24.58 -27.12
CA CYS B 421 -7.43 24.97 -28.50
C CYS B 421 -8.32 24.16 -29.44
N ARG B 422 -8.35 22.84 -29.24
CA ARG B 422 -9.29 22.00 -29.99
C ARG B 422 -10.70 22.50 -29.83
N TRP B 423 -11.08 22.82 -28.59
CA TRP B 423 -12.45 23.18 -28.28
C TRP B 423 -12.81 24.48 -28.97
N MET B 424 -11.89 25.45 -28.97
CA MET B 424 -12.16 26.71 -29.66
C MET B 424 -12.36 26.47 -31.15
N ARG B 425 -11.55 25.58 -31.74
CA ARG B 425 -11.67 25.30 -33.17
C ARG B 425 -13.01 24.65 -33.48
N VAL B 426 -13.54 23.83 -32.57
CA VAL B 426 -14.87 23.24 -32.76
C VAL B 426 -15.96 24.29 -32.57
N HIS B 427 -15.79 25.21 -31.61
CA HIS B 427 -16.79 26.25 -31.41
C HIS B 427 -16.94 27.11 -32.64
N GLY B 428 -15.84 27.35 -33.36
CA GLY B 428 -15.87 28.19 -34.54
C GLY B 428 -16.65 27.61 -35.72
N LYS B 429 -17.03 26.33 -35.67
CA LYS B 429 -17.66 25.66 -36.82
C LYS B 429 -19.11 25.26 -36.57
N VAL B 430 -19.64 25.49 -35.38
CA VAL B 430 -20.97 25.01 -34.99
C VAL B 430 -21.87 26.21 -34.79
N PRO B 431 -23.02 26.28 -35.45
CA PRO B 431 -23.83 27.51 -35.41
C PRO B 431 -24.33 27.78 -33.99
N SER B 432 -24.52 29.08 -33.68
CA SER B 432 -24.88 29.48 -32.31
C SER B 432 -26.14 28.79 -31.83
N HIS B 433 -26.95 28.26 -32.74
CA HIS B 433 -28.14 27.49 -32.38
C HIS B 433 -27.79 26.09 -31.88
N LEU B 434 -26.80 25.44 -32.50
CA LEU B 434 -26.54 24.02 -32.24
C LEU B 434 -25.93 23.78 -30.86
N LEU B 435 -25.40 24.81 -30.21
CA LEU B 435 -24.73 24.62 -28.92
C LEU B 435 -25.67 24.11 -27.85
N ARG B 436 -25.18 23.18 -27.03
CA ARG B 436 -25.96 22.73 -25.88
C ARG B 436 -26.04 23.78 -24.78
N SER B 437 -25.26 24.86 -24.89
CA SER B 437 -25.22 25.93 -23.91
C SER B 437 -24.96 27.22 -24.66
N LYS B 438 -25.61 28.29 -24.25
CA LYS B 438 -25.26 29.59 -24.82
C LYS B 438 -23.87 29.97 -24.32
N ILE B 439 -22.94 30.10 -25.23
CA ILE B 439 -21.65 30.71 -24.94
C ILE B 439 -21.25 31.42 -26.20
N THR B 440 -21.08 32.72 -26.09
CA THR B 440 -20.77 33.54 -27.25
C THR B 440 -19.44 34.24 -26.97
N LYS B 441 -18.69 34.51 -28.03
CA LYS B 441 -17.40 35.20 -27.98
C LYS B 441 -16.53 34.67 -26.84
N PRO B 442 -16.18 33.38 -26.86
CA PRO B 442 -15.48 32.79 -25.70
C PRO B 442 -14.04 33.29 -25.64
N ASN B 443 -13.62 33.73 -24.46
CA ASN B 443 -12.26 34.20 -24.27
C ASN B 443 -11.48 33.37 -23.26
N VAL B 444 -11.92 33.28 -22.01
CA VAL B 444 -11.10 32.70 -20.95
C VAL B 444 -11.61 31.30 -20.64
N TYR B 445 -10.66 30.37 -20.50
CA TYR B 445 -10.93 28.98 -20.16
C TYR B 445 -11.98 28.85 -19.06
N HIS B 446 -11.67 29.38 -17.89
CA HIS B 446 -12.57 29.21 -16.76
C HIS B 446 -13.99 29.66 -17.10
N GLU B 447 -14.13 30.79 -17.81
CA GLU B 447 -15.48 31.26 -18.13
C GLU B 447 -16.19 30.32 -19.11
N SER B 448 -15.46 29.80 -20.10
CA SER B 448 -16.08 28.85 -21.02
C SER B 448 -16.52 27.59 -20.28
N LYS B 449 -15.77 27.19 -19.26
CA LYS B 449 -16.21 26.07 -18.42
C LYS B 449 -17.49 26.42 -17.67
N LEU B 450 -17.57 27.65 -17.16
CA LEU B 450 -18.74 28.08 -16.41
C LEU B 450 -19.97 28.13 -17.29
N ALA B 451 -19.80 28.43 -18.57
CA ALA B 451 -20.92 28.37 -19.49
C ALA B 451 -21.65 27.03 -19.47
N ALA B 452 -21.01 25.95 -19.01
CA ALA B 452 -21.62 24.60 -19.00
C ALA B 452 -22.51 24.45 -17.77
N LYS B 453 -23.71 25.04 -17.84
CA LYS B 453 -24.51 25.20 -16.63
C LYS B 453 -24.97 23.86 -16.07
N GLU B 454 -25.58 22.99 -16.89
CA GLU B 454 -26.07 21.74 -16.33
C GLU B 454 -24.95 20.87 -15.78
N TYR B 455 -23.79 20.88 -16.46
CA TYR B 455 -22.67 20.07 -15.98
C TYR B 455 -22.16 20.60 -14.66
N GLN B 456 -22.04 21.92 -14.51
CA GLN B 456 -21.66 22.46 -13.21
C GLN B 456 -22.71 22.11 -12.15
N ALA B 457 -23.97 22.02 -12.56
CA ALA B 457 -25.03 21.61 -11.64
C ALA B 457 -24.79 20.21 -11.12
N ALA B 458 -24.57 19.26 -12.03
CA ALA B 458 -24.23 17.88 -11.65
C ALA B 458 -22.96 17.83 -10.80
N LYS B 459 -21.95 18.66 -11.12
CA LYS B 459 -20.74 18.78 -10.30
C LYS B 459 -21.08 19.14 -8.85
N ALA B 460 -21.95 20.16 -8.65
CA ALA B 460 -22.37 20.56 -7.31
C ALA B 460 -23.16 19.46 -6.60
N ARG B 461 -24.00 18.74 -7.35
CA ARG B 461 -24.76 17.64 -6.75
C ARG B 461 -23.82 16.55 -6.26
N LEU B 462 -22.81 16.19 -7.07
CA LEU B 462 -21.79 15.22 -6.69
C LEU B 462 -21.06 15.65 -5.43
N PHE B 463 -20.61 16.91 -5.41
CA PHE B 463 -19.89 17.41 -4.25
C PHE B 463 -20.73 17.25 -2.99
N THR B 464 -22.01 17.65 -3.07
CA THR B 464 -22.90 17.57 -1.91
C THR B 464 -23.16 16.13 -1.51
N ALA B 465 -23.31 15.22 -2.47
CA ALA B 465 -23.47 13.82 -2.12
C ALA B 465 -22.30 13.33 -1.28
N PHE B 466 -21.08 13.67 -1.72
CA PHE B 466 -19.86 13.30 -0.98
C PHE B 466 -19.87 13.88 0.44
N ILE B 467 -20.16 15.19 0.55
CA ILE B 467 -20.15 15.82 1.87
C ILE B 467 -21.18 15.14 2.79
N LYS B 468 -22.40 14.96 2.28
CA LYS B 468 -23.48 14.42 3.09
C LYS B 468 -23.27 12.96 3.42
N ALA B 469 -22.44 12.26 2.66
CA ALA B 469 -22.16 10.86 2.97
C ALA B 469 -21.03 10.70 3.99
N GLY B 470 -20.50 11.81 4.51
CA GLY B 470 -19.42 11.75 5.50
C GLY B 470 -18.07 11.51 4.91
N LEU B 471 -17.92 11.75 3.61
CA LEU B 471 -16.79 11.32 2.84
C LEU B 471 -15.83 12.45 2.52
N GLY B 472 -16.00 13.61 3.12
CA GLY B 472 -15.09 14.70 2.87
C GLY B 472 -15.54 15.55 1.69
N ALA B 473 -14.91 16.70 1.56
CA ALA B 473 -15.23 17.64 0.49
C ALA B 473 -14.12 17.63 -0.56
N TRP B 474 -14.52 17.59 -1.82
CA TRP B 474 -13.59 17.58 -2.93
C TRP B 474 -12.63 18.76 -2.84
N VAL B 475 -11.34 18.51 -3.03
CA VAL B 475 -10.37 19.59 -3.09
C VAL B 475 -10.26 20.06 -4.53
N GLU B 476 -10.54 21.35 -4.77
CA GLU B 476 -10.38 21.95 -6.09
C GLU B 476 -9.14 22.84 -6.12
N LYS B 477 -8.57 23.00 -7.33
CA LYS B 477 -7.37 23.80 -7.48
C LYS B 477 -7.72 25.28 -7.38
N PRO B 478 -6.74 26.12 -7.03
CA PRO B 478 -6.97 27.57 -7.09
C PRO B 478 -7.41 27.96 -8.48
N THR B 479 -8.57 28.63 -8.56
CA THR B 479 -9.21 28.93 -9.83
C THR B 479 -8.41 29.92 -10.69
N GLU B 480 -7.26 30.36 -10.20
CA GLU B 480 -6.39 31.22 -10.98
C GLU B 480 -5.68 30.45 -12.08
N GLN B 481 -5.46 29.15 -11.89
CA GLN B 481 -4.73 28.38 -12.89
C GLN B 481 -5.58 28.02 -14.10
N ASP B 482 -6.90 28.17 -14.03
CA ASP B 482 -7.70 28.11 -15.23
C ASP B 482 -8.10 29.50 -15.72
N GLN B 483 -7.47 30.54 -15.17
CA GLN B 483 -7.75 31.93 -15.55
C GLN B 483 -6.73 32.34 -16.60
N PHE B 484 -6.98 31.92 -17.84
CA PHE B 484 -6.04 32.16 -18.92
C PHE B 484 -6.80 32.18 -20.24
N SER B 485 -6.44 33.10 -21.10
CA SER B 485 -6.95 33.11 -22.46
C SER B 485 -5.96 32.39 -23.37
N LEU B 486 -6.42 32.05 -24.56
CA LEU B 486 -5.50 31.43 -25.52
C LEU B 486 -4.41 32.40 -25.93
N THR B 487 -4.75 33.68 -26.11
CA THR B 487 -3.82 34.69 -26.64
C THR B 487 -2.40 34.66 -26.10
P 8AZ C 13 23.49 -9.46 6.95
OP2 8AZ C 13 24.56 -10.49 7.24
OP1 8AZ C 13 23.43 -8.17 7.78
O5' 8AZ C 13 22.08 -10.19 7.08
C5' 8AZ C 13 21.51 -10.97 6.03
C4' 8AZ C 13 20.33 -11.75 6.52
O4' 8AZ C 13 20.30 -11.69 7.99
C1' 8AZ C 13 19.04 -11.17 8.42
N9 8AZ C 13 19.19 -10.45 9.69
N8 8AZ C 13 20.20 -9.55 9.89
N7 8AZ C 13 20.11 -9.05 11.14
C5 8AZ C 13 19.09 -9.64 11.74
C6 8AZ C 13 18.61 -9.43 13.12
O6 8AZ C 13 18.24 -8.05 13.28
N1 8AZ C 13 17.49 -10.36 13.25
C2 8AZ C 13 16.97 -11.15 12.28
N3 8AZ C 13 17.40 -11.32 11.06
C4 8AZ C 13 18.48 -10.54 10.84
C2' 8AZ C 13 18.55 -10.34 7.25
O2' 8AZ C 13 17.16 -10.12 7.36
C3' 8AZ C 13 18.96 -11.23 6.08
O3' 8AZ C 13 18.06 -12.33 6.06
OP2 4DU D 21 18.21 0.53 -6.97
P 4DU D 21 17.58 0.56 -5.64
O5' 4DU D 21 18.43 1.14 -4.36
C5' 4DU D 21 17.61 1.21 -3.28
C4' 4DU D 21 18.50 1.46 -2.08
C3' 4DU D 21 19.49 2.49 -2.38
O3' 4DU D 21 19.58 3.15 -1.12
C2' 4DU D 21 20.80 1.82 -2.55
C1' 4DU D 21 20.60 0.51 -1.80
O4' 4DU D 21 19.17 0.27 -1.70
N9 4DU D 21 21.30 -0.51 -2.51
C4 4DU D 21 21.92 -1.48 -1.87
C3 4DU D 21 22.10 -1.79 -0.56
C2 4DU D 21 22.82 -2.91 -0.25
N1 4DU D 21 23.36 -3.68 -1.19
C6 4DU D 21 23.20 -3.41 -2.52
N6 4DU D 21 23.76 -4.32 -3.50
C5 4DU D 21 22.44 -2.29 -2.90
N7 4DU D 21 22.01 -1.66 -4.18
C8 4DU D 21 21.31 -0.57 -3.82
O1 4DU D 21 16.32 1.30 -5.74
C1 IHP E . 5.41 -2.32 16.45
C2 IHP E . 4.33 -1.94 17.46
C3 IHP E . 4.34 -0.44 17.65
C4 IHP E . 4.04 0.25 16.33
C5 IHP E . 4.99 -0.16 15.23
C6 IHP E . 5.09 -1.67 15.10
O11 IHP E . 5.40 -3.76 16.27
P1 IHP E . 6.72 -4.66 16.17
O21 IHP E . 7.42 -4.71 17.55
O31 IHP E . 6.23 -6.03 15.78
O41 IHP E . 7.59 -4.03 15.09
O12 IHP E . 3.01 -2.28 16.92
P2 IHP E . 2.09 -3.54 17.35
O22 IHP E . 2.41 -3.62 18.85
O32 IHP E . 2.44 -4.83 16.59
O42 IHP E . 0.68 -3.10 17.07
O13 IHP E . 3.24 -0.07 18.54
P3 IHP E . 3.52 0.54 20.01
O23 IHP E . 4.89 1.19 20.00
O33 IHP E . 2.44 1.58 20.22
O43 IHP E . 3.43 -0.65 20.97
O14 IHP E . 4.21 1.68 16.52
P4 IHP E . 2.89 2.60 16.66
O24 IHP E . 1.74 1.66 16.35
O34 IHP E . 2.91 3.04 18.11
O44 IHP E . 3.01 3.74 15.64
O15 IHP E . 4.44 0.36 14.00
P5 IHP E . 5.20 1.51 13.19
O25 IHP E . 5.54 2.64 14.20
O35 IHP E . 4.36 2.00 12.01
O45 IHP E . 6.45 0.74 12.72
O16 IHP E . 6.18 -1.94 14.16
P6 IHP E . 6.05 -2.73 12.75
O26 IHP E . 5.64 -4.15 13.09
O36 IHP E . 5.07 -1.95 11.88
O46 IHP E . 7.46 -2.71 12.16
ZN ZN F . 16.66 -7.25 12.33
C1 IHP G . -9.59 17.82 -14.29
C2 IHP G . -10.46 18.60 -15.25
C3 IHP G . -11.64 19.19 -14.51
C4 IHP G . -11.16 20.08 -13.37
C5 IHP G . -10.22 19.35 -12.44
C6 IHP G . -9.08 18.73 -13.21
O11 IHP G . -8.41 17.33 -15.02
P1 IHP G . -7.78 15.85 -14.90
O21 IHP G . -6.27 16.00 -14.66
O31 IHP G . -8.44 15.13 -13.75
O41 IHP G . -8.12 15.21 -16.26
O12 IHP G . -9.70 19.76 -15.72
P2 IHP G . -9.27 20.15 -17.23
O22 IHP G . -10.24 19.45 -18.19
O32 IHP G . -7.83 19.67 -17.29
O42 IHP G . -9.35 21.66 -17.39
O13 IHP G . -12.31 20.06 -15.48
P3 IHP G . -13.80 19.88 -16.00
O23 IHP G . -14.11 18.40 -15.83
O33 IHP G . -14.67 20.79 -15.12
O43 IHP G . -13.83 20.28 -17.47
O14 IHP G . -12.32 20.55 -12.60
P4 IHP G . -12.88 22.07 -12.63
O24 IHP G . -12.39 22.77 -13.89
O34 IHP G . -14.38 21.78 -12.73
O44 IHP G . -12.49 22.82 -11.36
O15 IHP G . -9.67 20.33 -11.50
P5 IHP G . -10.07 20.41 -9.94
O25 IHP G . -11.04 19.28 -9.65
O35 IHP G . -10.71 21.79 -9.86
O45 IHP G . -8.82 20.31 -9.09
O16 IHP G . -8.25 17.94 -12.29
P6 IHP G . -6.81 18.42 -11.76
O26 IHP G . -5.86 18.21 -12.95
O36 IHP G . -6.92 19.89 -11.38
O46 IHP G . -6.44 17.55 -10.57
ZN ZN H . -4.11 7.13 -9.33
#